data_7V5V
#
_entry.id   7V5V
#
_cell.length_a   66.405
_cell.length_b   72.415
_cell.length_c   91.612
_cell.angle_alpha   90.000
_cell.angle_beta   104.620
_cell.angle_gamma   90.000
#
_symmetry.space_group_name_H-M   'P 1 21 1'
#
loop_
_entity.id
_entity.type
_entity.pdbx_description
1 polymer RipR
2 water water
#
_entity_poly.entity_id   1
_entity_poly.type   'polypeptide(L)'
_entity_poly.pdbx_seq_one_letter_code
;MARGESGVLRVGFTASAAFNSVVPGAIRTFKRAYPDVRLQLEEGNTTQLADELNEGSLDVAFLRPGFTGNERFQLRLLSE
EPMVIVLAETHPAAACKQIALSILKDEFFLLFPREIGLSLYDAVIKACGKAGFEPKIGQLVPQISSVINLVSAEMGVSMV
PDSMRQVNVKGVVYRPVADQMPVAKLALAYRRGDTSPTLRNFILKVTG
;
_entity_poly.pdbx_strand_id   A,B,C,D
#
# COMPACT_ATOMS: atom_id res chain seq x y z
N ALA A 2 -40.65 -5.51 -36.81
CA ALA A 2 -40.27 -6.66 -37.63
C ALA A 2 -39.10 -6.33 -38.55
N ARG A 3 -38.97 -5.04 -38.88
CA ARG A 3 -37.93 -4.59 -39.79
C ARG A 3 -36.74 -3.96 -39.07
N GLY A 4 -36.83 -3.75 -37.76
CA GLY A 4 -35.72 -3.15 -37.04
C GLY A 4 -35.52 -1.69 -37.31
N GLU A 5 -36.44 -1.03 -38.01
CA GLU A 5 -36.43 0.41 -38.16
C GLU A 5 -37.19 1.12 -37.05
N SER A 6 -37.96 0.38 -36.25
CA SER A 6 -38.67 0.92 -35.11
C SER A 6 -38.39 0.03 -33.90
N GLY A 7 -38.15 0.66 -32.75
CA GLY A 7 -37.90 -0.08 -31.55
C GLY A 7 -36.78 0.45 -30.68
N VAL A 8 -36.12 -0.44 -29.95
CA VAL A 8 -35.12 -0.06 -28.96
C VAL A 8 -33.99 -1.08 -28.99
N LEU A 9 -32.75 -0.60 -28.86
CA LEU A 9 -31.59 -1.47 -28.78
C LEU A 9 -30.66 -0.96 -27.69
N ARG A 10 -30.23 -1.88 -26.81
CA ARG A 10 -29.31 -1.55 -25.73
C ARG A 10 -27.93 -2.08 -26.10
N VAL A 11 -27.02 -1.16 -26.42
CA VAL A 11 -25.67 -1.50 -26.83
C VAL A 11 -24.72 -1.23 -25.67
N GLY A 12 -23.84 -2.20 -25.40
CA GLY A 12 -22.84 -2.04 -24.37
C GLY A 12 -21.45 -1.89 -24.93
N PHE A 13 -20.55 -1.25 -24.18
CA PHE A 13 -19.18 -1.05 -24.63
C PHE A 13 -18.30 -0.79 -23.42
N THR A 14 -17.01 -1.08 -23.58
CA THR A 14 -16.03 -0.74 -22.58
C THR A 14 -15.42 0.62 -22.89
N ALA A 15 -14.97 1.32 -21.84
CA ALA A 15 -14.36 2.62 -22.01
C ALA A 15 -13.11 2.54 -22.89
N SER A 16 -12.41 1.40 -22.85
CA SER A 16 -11.22 1.23 -23.70
C SER A 16 -11.63 0.98 -25.15
N ALA A 17 -12.72 0.23 -25.37
CA ALA A 17 -13.14 -0.07 -26.73
C ALA A 17 -13.69 1.15 -27.44
N ALA A 18 -14.19 2.14 -26.70
CA ALA A 18 -14.80 3.31 -27.31
C ALA A 18 -13.82 4.08 -28.18
N PHE A 19 -12.52 4.01 -27.85
CA PHE A 19 -11.51 4.68 -28.66
C PHE A 19 -11.36 4.02 -30.02
N ASN A 20 -11.67 2.73 -30.12
CA ASN A 20 -11.60 2.02 -31.39
C ASN A 20 -12.69 2.53 -32.32
N SER A 21 -12.31 2.97 -33.53
CA SER A 21 -13.22 3.68 -34.42
C SER A 21 -14.45 2.85 -34.80
N VAL A 22 -14.40 1.53 -34.63
CA VAL A 22 -15.52 0.70 -35.05
C VAL A 22 -16.75 0.94 -34.18
N VAL A 23 -16.55 1.12 -32.87
CA VAL A 23 -17.69 1.30 -31.96
C VAL A 23 -18.44 2.59 -32.29
N PRO A 24 -17.80 3.77 -32.28
CA PRO A 24 -18.57 4.96 -32.68
C PRO A 24 -18.92 4.98 -34.15
N GLY A 25 -18.09 4.36 -35.00
CA GLY A 25 -18.43 4.28 -36.42
C GLY A 25 -19.63 3.40 -36.69
N ALA A 26 -19.81 2.33 -35.91
CA ALA A 26 -20.96 1.46 -36.10
C ALA A 26 -22.23 2.09 -35.57
N ILE A 27 -22.16 2.64 -34.35
CA ILE A 27 -23.32 3.34 -33.78
C ILE A 27 -23.75 4.48 -34.69
N ARG A 28 -22.79 5.26 -35.19
CA ARG A 28 -23.10 6.35 -36.10
C ARG A 28 -23.74 5.82 -37.38
N THR A 29 -23.20 4.74 -37.93
CA THR A 29 -23.76 4.17 -39.17
C THR A 29 -25.17 3.65 -38.93
N PHE A 30 -25.40 2.98 -37.80
CA PHE A 30 -26.72 2.42 -37.51
C PHE A 30 -27.75 3.52 -37.35
N LYS A 31 -27.46 4.53 -36.51
CA LYS A 31 -28.42 5.60 -36.27
C LYS A 31 -28.69 6.41 -37.53
N ARG A 32 -27.72 6.47 -38.45
CA ARG A 32 -27.97 7.16 -39.72
C ARG A 32 -28.96 6.38 -40.58
N ALA A 33 -28.88 5.06 -40.56
CA ALA A 33 -29.77 4.20 -41.33
C ALA A 33 -31.10 3.95 -40.63
N TYR A 34 -31.10 3.87 -39.30
CA TYR A 34 -32.32 3.61 -38.53
C TYR A 34 -32.47 4.71 -37.49
N PRO A 35 -32.84 5.93 -37.91
CA PRO A 35 -32.93 7.03 -36.96
C PRO A 35 -34.08 6.89 -35.96
N ASP A 36 -35.10 6.09 -36.30
CA ASP A 36 -36.24 5.93 -35.40
C ASP A 36 -35.99 4.91 -34.31
N VAL A 37 -35.07 3.98 -34.53
CA VAL A 37 -34.63 3.12 -33.44
C VAL A 37 -33.89 3.96 -32.43
N ARG A 38 -34.15 3.72 -31.15
CA ARG A 38 -33.51 4.48 -30.09
C ARG A 38 -32.56 3.63 -29.28
N LEU A 39 -31.33 4.09 -29.19
CA LEU A 39 -30.24 3.34 -28.60
C LEU A 39 -30.10 3.67 -27.12
N GLN A 40 -29.78 2.67 -26.33
CA GLN A 40 -29.47 2.85 -24.91
C GLN A 40 -28.02 2.41 -24.70
N LEU A 41 -27.11 3.36 -24.73
CA LEU A 41 -25.69 3.07 -24.63
C LEU A 41 -25.29 2.93 -23.17
N GLU A 42 -24.39 1.98 -22.90
CA GLU A 42 -24.01 1.65 -21.54
C GLU A 42 -22.53 1.28 -21.52
N GLU A 43 -21.79 1.91 -20.61
CA GLU A 43 -20.37 1.62 -20.43
C GLU A 43 -20.19 0.63 -19.27
N GLY A 44 -19.19 -0.23 -19.42
CA GLY A 44 -18.83 -1.15 -18.36
C GLY A 44 -17.69 -2.04 -18.81
N ASN A 45 -17.07 -2.70 -17.84
CA ASN A 45 -16.03 -3.64 -18.16
C ASN A 45 -16.66 -4.91 -18.75
N THR A 46 -15.79 -5.76 -19.33
CA THR A 46 -16.28 -6.89 -20.10
C THR A 46 -17.14 -7.83 -19.27
N THR A 47 -16.69 -8.20 -18.08
CA THR A 47 -17.43 -9.14 -17.25
C THR A 47 -18.80 -8.58 -16.87
N GLN A 48 -18.87 -7.28 -16.62
CA GLN A 48 -20.15 -6.68 -16.21
C GLN A 48 -21.14 -6.67 -17.38
N LEU A 49 -20.68 -6.36 -18.59
CA LEU A 49 -21.57 -6.34 -19.74
C LEU A 49 -22.03 -7.75 -20.10
N ALA A 50 -21.13 -8.73 -19.99
CA ALA A 50 -21.51 -10.11 -20.25
C ALA A 50 -22.58 -10.58 -19.27
N ASP A 51 -22.48 -10.16 -18.01
CA ASP A 51 -23.53 -10.47 -17.05
C ASP A 51 -24.84 -9.78 -17.39
N GLU A 52 -24.78 -8.61 -18.01
CA GLU A 52 -26.00 -7.91 -18.40
C GLU A 52 -26.65 -8.60 -19.60
N LEU A 53 -25.85 -9.08 -20.55
CA LEU A 53 -26.41 -9.82 -21.67
C LEU A 53 -27.08 -11.10 -21.22
N ASN A 54 -26.50 -11.78 -20.24
CA ASN A 54 -27.10 -13.01 -19.72
C ASN A 54 -28.40 -12.73 -18.99
N GLU A 55 -28.44 -11.67 -18.19
CA GLU A 55 -29.63 -11.32 -17.43
C GLU A 55 -30.71 -10.68 -18.28
N GLY A 56 -30.39 -10.26 -19.50
CA GLY A 56 -31.35 -9.62 -20.37
C GLY A 56 -31.35 -8.10 -20.35
N SER A 57 -30.43 -7.49 -19.62
CA SER A 57 -30.37 -6.04 -19.53
C SER A 57 -29.70 -5.40 -20.74
N LEU A 58 -29.09 -6.20 -21.62
CA LEU A 58 -28.42 -5.70 -22.81
C LEU A 58 -28.84 -6.52 -24.02
N ASP A 59 -28.55 -5.99 -25.19
CA ASP A 59 -28.81 -6.67 -26.45
C ASP A 59 -27.55 -6.97 -27.26
N VAL A 60 -26.51 -6.16 -27.13
CA VAL A 60 -25.26 -6.34 -27.87
C VAL A 60 -24.19 -5.56 -27.14
N ALA A 61 -22.96 -6.08 -27.16
CA ALA A 61 -21.87 -5.48 -26.41
C ALA A 61 -20.56 -5.58 -27.19
N PHE A 62 -19.82 -4.47 -27.22
CA PHE A 62 -18.44 -4.45 -27.68
C PHE A 62 -17.55 -4.74 -26.49
N LEU A 63 -16.97 -5.93 -26.44
CA LEU A 63 -16.21 -6.37 -25.27
C LEU A 63 -14.93 -7.06 -25.72
N ARG A 64 -14.05 -7.28 -24.74
CA ARG A 64 -12.79 -7.96 -24.99
C ARG A 64 -13.00 -9.47 -24.98
N PRO A 65 -12.51 -10.19 -25.99
CA PRO A 65 -12.65 -11.65 -25.98
C PRO A 65 -11.84 -12.27 -24.85
N GLY A 66 -12.18 -13.52 -24.54
CA GLY A 66 -11.47 -14.27 -23.52
C GLY A 66 -12.05 -14.20 -22.13
N PHE A 67 -13.30 -13.77 -21.98
CA PHE A 67 -13.93 -13.73 -20.67
C PHE A 67 -14.60 -15.07 -20.36
N THR A 68 -14.65 -15.40 -19.08
CA THR A 68 -15.23 -16.67 -18.65
C THR A 68 -16.72 -16.71 -18.97
N GLY A 69 -17.17 -17.85 -19.47
CA GLY A 69 -18.54 -18.01 -19.88
C GLY A 69 -18.84 -17.57 -21.30
N ASN A 70 -17.83 -17.16 -22.06
CA ASN A 70 -18.04 -16.65 -23.41
C ASN A 70 -18.54 -17.72 -24.37
N GLU A 71 -18.41 -19.00 -24.01
CA GLU A 71 -18.93 -20.06 -24.87
C GLU A 71 -20.45 -20.08 -24.92
N ARG A 72 -21.13 -19.38 -23.99
CA ARG A 72 -22.58 -19.32 -24.02
C ARG A 72 -23.09 -18.35 -25.09
N PHE A 73 -22.38 -17.25 -25.30
CA PHE A 73 -22.82 -16.21 -26.21
C PHE A 73 -22.32 -16.44 -27.62
N GLN A 74 -22.80 -15.63 -28.55
CA GLN A 74 -22.26 -15.56 -29.91
C GLN A 74 -21.23 -14.45 -29.94
N LEU A 75 -19.96 -14.81 -30.15
CA LEU A 75 -18.87 -13.85 -30.19
C LEU A 75 -18.50 -13.54 -31.63
N ARG A 76 -18.12 -12.32 -31.90
CA ARG A 76 -17.82 -11.96 -33.26
C ARG A 76 -16.66 -11.06 -33.27
N LEU A 77 -15.51 -11.60 -33.64
CA LEU A 77 -14.31 -10.82 -33.65
C LEU A 77 -14.30 -9.70 -34.61
N LEU A 78 -13.96 -8.59 -34.05
CA LEU A 78 -13.83 -7.45 -34.85
C LEU A 78 -12.35 -7.28 -35.17
N SER A 79 -12.04 -6.35 -36.06
CA SER A 79 -10.66 -6.08 -36.43
C SER A 79 -9.76 -5.79 -35.26
N GLU A 80 -8.53 -6.25 -35.39
CA GLU A 80 -7.49 -6.06 -34.39
C GLU A 80 -6.85 -4.69 -34.35
N GLU A 81 -6.18 -4.40 -33.28
CA GLU A 81 -5.51 -3.13 -33.09
C GLU A 81 -4.07 -3.34 -32.62
N PRO A 82 -3.09 -2.64 -33.19
CA PRO A 82 -1.75 -2.84 -32.67
C PRO A 82 -1.60 -2.31 -31.29
N MET A 83 -0.74 -2.93 -30.53
CA MET A 83 -0.43 -2.46 -29.19
C MET A 83 0.83 -1.61 -29.22
N VAL A 84 0.75 -0.38 -28.70
CA VAL A 84 1.85 0.56 -28.73
C VAL A 84 2.28 0.87 -27.30
N ILE A 85 3.47 1.48 -27.18
CA ILE A 85 4.07 1.80 -25.90
C ILE A 85 3.70 3.24 -25.54
N VAL A 86 3.37 3.45 -24.26
CA VAL A 86 3.09 4.77 -23.73
C VAL A 86 4.28 5.19 -22.87
N LEU A 87 4.97 6.26 -23.28
CA LEU A 87 6.15 6.71 -22.56
C LEU A 87 6.25 8.23 -22.70
N ALA A 88 7.04 8.82 -21.80
CA ALA A 88 7.21 10.26 -21.78
C ALA A 88 8.16 10.71 -22.89
N GLU A 89 7.93 11.92 -23.38
CA GLU A 89 8.84 12.51 -24.37
C GLU A 89 10.22 12.73 -23.79
N THR A 90 10.35 12.80 -22.46
CA THR A 90 11.63 12.95 -21.81
C THR A 90 12.38 11.63 -21.66
N HIS A 91 11.73 10.50 -21.93
CA HIS A 91 12.40 9.21 -21.83
C HIS A 91 13.40 9.06 -22.97
N PRO A 92 14.59 8.50 -22.70
CA PRO A 92 15.57 8.31 -23.79
C PRO A 92 15.06 7.41 -24.89
N ALA A 93 14.26 6.40 -24.57
CA ALA A 93 13.72 5.51 -25.60
C ALA A 93 12.73 6.23 -26.51
N ALA A 94 12.24 7.40 -26.11
CA ALA A 94 11.36 8.17 -26.99
C ALA A 94 12.09 8.64 -28.25
N ALA A 95 13.43 8.65 -28.23
CA ALA A 95 14.21 8.97 -29.40
C ALA A 95 14.21 7.84 -30.43
N CYS A 96 13.79 6.63 -30.05
CA CYS A 96 13.73 5.52 -30.97
C CYS A 96 12.43 5.56 -31.76
N LYS A 97 12.52 5.25 -33.06
CA LYS A 97 11.31 5.09 -33.86
C LYS A 97 10.48 3.92 -33.36
N GLN A 98 11.09 2.74 -33.30
CA GLN A 98 10.50 1.57 -32.69
C GLN A 98 11.30 1.18 -31.45
N ILE A 99 10.62 0.71 -30.42
CA ILE A 99 11.23 0.38 -29.14
C ILE A 99 11.15 -1.11 -28.93
N ALA A 100 12.31 -1.76 -28.86
CA ALA A 100 12.37 -3.15 -28.42
C ALA A 100 12.14 -3.21 -26.92
N LEU A 101 11.15 -4.01 -26.51
CA LEU A 101 10.72 -4.00 -25.12
C LEU A 101 11.81 -4.41 -24.14
N SER A 102 12.83 -5.16 -24.60
CA SER A 102 13.94 -5.51 -23.73
C SER A 102 14.63 -4.27 -23.19
N ILE A 103 14.56 -3.15 -23.93
CA ILE A 103 15.14 -1.90 -23.47
C ILE A 103 14.41 -1.38 -22.23
N LEU A 104 13.11 -1.66 -22.11
CA LEU A 104 12.30 -1.16 -21.01
C LEU A 104 12.04 -2.21 -19.93
N LYS A 105 12.90 -3.22 -19.81
CA LYS A 105 12.68 -4.29 -18.85
C LYS A 105 12.88 -3.85 -17.41
N ASP A 106 13.47 -2.68 -17.18
CA ASP A 106 13.71 -2.18 -15.83
C ASP A 106 12.76 -1.07 -15.43
N GLU A 107 11.80 -0.71 -16.28
CA GLU A 107 10.87 0.37 -15.99
C GLU A 107 9.63 -0.17 -15.30
N PHE A 108 9.05 0.63 -14.42
CA PHE A 108 7.77 0.30 -13.81
C PHE A 108 6.66 0.39 -14.87
N PHE A 109 5.92 -0.69 -15.03
CA PHE A 109 4.87 -0.77 -16.05
C PHE A 109 3.53 -0.42 -15.42
N LEU A 110 2.88 0.61 -15.97
CA LEU A 110 1.58 1.07 -15.47
C LEU A 110 0.49 0.30 -16.21
N LEU A 111 0.01 -0.78 -15.62
CA LEU A 111 -0.91 -1.69 -16.26
C LEU A 111 -2.31 -1.61 -15.62
N PHE A 112 -3.09 -2.68 -15.83
CA PHE A 112 -4.50 -2.71 -15.47
C PHE A 112 -4.84 -4.12 -15.04
N PRO A 113 -5.88 -4.30 -14.23
CA PRO A 113 -6.29 -5.67 -13.87
C PRO A 113 -6.67 -6.46 -15.10
N ARG A 114 -6.18 -7.71 -15.18
CA ARG A 114 -6.41 -8.53 -16.36
C ARG A 114 -7.90 -8.82 -16.56
N GLU A 115 -8.66 -8.92 -15.48
CA GLU A 115 -10.10 -9.13 -15.59
C GLU A 115 -10.77 -8.04 -16.42
N ILE A 116 -10.11 -6.92 -16.53
CA ILE A 116 -10.58 -5.84 -17.32
C ILE A 116 -9.93 -5.95 -18.67
N GLY A 117 -8.62 -6.09 -18.69
CA GLY A 117 -7.89 -6.20 -19.94
C GLY A 117 -8.01 -7.42 -20.82
N LEU A 118 -7.90 -8.61 -20.23
CA LEU A 118 -7.96 -9.88 -20.95
C LEU A 118 -7.01 -9.64 -22.05
N SER A 119 -7.49 -9.72 -23.26
CA SER A 119 -6.65 -9.67 -24.41
C SER A 119 -5.66 -8.52 -24.34
N LEU A 120 -6.07 -7.36 -23.86
CA LEU A 120 -5.13 -6.27 -23.81
C LEU A 120 -3.98 -6.56 -22.86
N TYR A 121 -4.29 -7.10 -21.68
CA TYR A 121 -3.31 -7.41 -20.67
C TYR A 121 -2.38 -8.54 -21.13
N ASP A 122 -2.96 -9.60 -21.68
CA ASP A 122 -2.16 -10.74 -22.13
C ASP A 122 -1.20 -10.34 -23.24
N ALA A 123 -1.61 -9.41 -24.10
CA ALA A 123 -0.73 -8.94 -25.16
C ALA A 123 0.53 -8.29 -24.60
N VAL A 124 0.42 -7.63 -23.43
CA VAL A 124 1.57 -7.00 -22.83
C VAL A 124 2.54 -8.05 -22.28
N ILE A 125 2.01 -9.05 -21.58
CA ILE A 125 2.86 -10.09 -20.99
C ILE A 125 3.55 -10.88 -22.09
N LYS A 126 2.81 -11.23 -23.15
CA LYS A 126 3.42 -11.95 -24.27
C LYS A 126 4.42 -11.06 -25.01
N ALA A 127 4.10 -9.76 -25.14
CA ALA A 127 5.02 -8.85 -25.80
C ALA A 127 6.35 -8.76 -25.06
N CYS A 128 6.29 -8.68 -23.73
CA CYS A 128 7.52 -8.66 -22.94
C CYS A 128 8.18 -10.03 -22.92
N GLY A 129 7.39 -11.10 -22.94
CA GLY A 129 7.96 -12.45 -22.93
C GLY A 129 8.84 -12.72 -24.15
N LYS A 130 8.45 -12.18 -25.31
CA LYS A 130 9.30 -12.30 -26.48
C LYS A 130 10.60 -11.53 -26.31
N ALA A 131 10.58 -10.43 -25.57
CA ALA A 131 11.79 -9.67 -25.27
C ALA A 131 12.59 -10.28 -24.13
N GLY A 132 12.17 -11.43 -23.59
CA GLY A 132 12.94 -12.13 -22.60
C GLY A 132 12.80 -11.63 -21.17
N PHE A 133 11.65 -11.04 -20.84
CA PHE A 133 11.45 -10.53 -19.49
C PHE A 133 9.96 -10.45 -19.20
N GLU A 134 9.63 -10.42 -17.91
CA GLU A 134 8.28 -10.15 -17.45
C GLU A 134 8.19 -8.74 -16.91
N PRO A 135 7.09 -8.02 -17.19
CA PRO A 135 7.03 -6.60 -16.82
C PRO A 135 6.98 -6.41 -15.31
N LYS A 136 7.70 -5.38 -14.85
CA LYS A 136 7.70 -4.98 -13.45
C LYS A 136 6.56 -4.00 -13.24
N ILE A 137 5.52 -4.42 -12.54
CA ILE A 137 4.30 -3.64 -12.39
C ILE A 137 4.43 -2.74 -11.17
N GLY A 138 4.13 -1.45 -11.34
CA GLY A 138 4.12 -0.51 -10.25
C GLY A 138 2.73 -0.25 -9.72
N GLN A 139 1.85 0.30 -10.56
CA GLN A 139 0.48 0.59 -10.19
C GLN A 139 -0.48 -0.06 -11.20
N LEU A 140 -1.68 -0.37 -10.72
CA LEU A 140 -2.74 -0.91 -11.56
C LEU A 140 -3.91 0.07 -11.56
N VAL A 141 -4.24 0.59 -12.73
CA VAL A 141 -5.25 1.64 -12.86
C VAL A 141 -6.57 0.98 -13.24
N PRO A 142 -7.71 1.48 -12.74
CA PRO A 142 -9.00 0.87 -13.12
C PRO A 142 -9.42 1.19 -14.55
N GLN A 143 -9.05 2.36 -15.07
CA GLN A 143 -9.41 2.78 -16.41
C GLN A 143 -8.15 2.81 -17.26
N ILE A 144 -8.11 1.94 -18.28
CA ILE A 144 -6.87 1.71 -19.03
C ILE A 144 -6.34 3.01 -19.62
N SER A 145 -7.24 3.88 -20.10
CA SER A 145 -6.80 5.14 -20.70
C SER A 145 -6.09 6.04 -19.69
N SER A 146 -6.31 5.83 -18.39
CA SER A 146 -5.71 6.69 -17.38
C SER A 146 -4.22 6.43 -17.19
N VAL A 147 -3.66 5.39 -17.80
CA VAL A 147 -2.22 5.18 -17.70
C VAL A 147 -1.45 6.31 -18.36
N ILE A 148 -2.06 6.95 -19.37
CA ILE A 148 -1.37 8.01 -20.10
C ILE A 148 -1.12 9.21 -19.19
N ASN A 149 -2.11 9.54 -18.33
CA ASN A 149 -1.92 10.64 -17.40
C ASN A 149 -0.88 10.31 -16.34
N LEU A 150 -0.75 9.03 -15.96
CA LEU A 150 0.29 8.64 -15.02
C LEU A 150 1.66 8.60 -15.67
N VAL A 151 1.72 8.25 -16.96
CA VAL A 151 2.98 8.39 -17.69
C VAL A 151 3.40 9.86 -17.73
N SER A 152 2.44 10.76 -17.80
CA SER A 152 2.76 12.19 -17.74
C SER A 152 3.38 12.57 -16.41
N ALA A 153 2.97 11.91 -15.32
CA ALA A 153 3.55 12.15 -14.01
C ALA A 153 4.81 11.33 -13.76
N GLU A 154 5.42 10.81 -14.83
CA GLU A 154 6.61 9.95 -14.75
C GLU A 154 6.43 8.84 -13.72
N MET A 155 5.25 8.22 -13.72
CA MET A 155 5.02 7.05 -12.91
C MET A 155 5.52 5.76 -13.55
N GLY A 156 6.01 5.84 -14.79
CA GLY A 156 6.46 4.65 -15.50
C GLY A 156 6.04 4.62 -16.95
N VAL A 157 5.98 3.44 -17.55
CA VAL A 157 5.55 3.30 -18.94
C VAL A 157 4.29 2.45 -18.98
N SER A 158 3.75 2.22 -20.17
CA SER A 158 2.54 1.42 -20.31
C SER A 158 2.39 1.01 -21.77
N MET A 159 1.44 0.11 -22.02
CA MET A 159 1.08 -0.33 -23.36
C MET A 159 -0.43 -0.22 -23.51
N VAL A 160 -0.88 0.51 -24.53
CA VAL A 160 -2.31 0.71 -24.77
C VAL A 160 -2.60 0.39 -26.23
N PRO A 161 -3.88 0.19 -26.57
CA PRO A 161 -4.25 0.05 -27.98
C PRO A 161 -3.89 1.29 -28.78
N ASP A 162 -3.68 1.10 -30.08
CA ASP A 162 -3.29 2.19 -30.95
C ASP A 162 -4.32 3.31 -30.98
N SER A 163 -5.60 2.98 -30.79
CA SER A 163 -6.66 3.98 -30.81
C SER A 163 -6.46 5.02 -29.72
N MET A 164 -5.89 4.63 -28.58
CA MET A 164 -5.68 5.56 -27.49
C MET A 164 -4.61 6.60 -27.78
N ARG A 165 -3.99 6.55 -28.97
CA ARG A 165 -3.11 7.64 -29.40
C ARG A 165 -3.88 8.94 -29.58
N GLN A 166 -5.21 8.87 -29.75
CA GLN A 166 -6.03 10.06 -29.80
C GLN A 166 -6.00 10.83 -28.49
N VAL A 167 -5.59 10.19 -27.40
CA VAL A 167 -5.44 10.86 -26.11
C VAL A 167 -4.11 11.61 -26.14
N ASN A 168 -4.15 12.90 -26.46
CA ASN A 168 -2.94 13.69 -26.66
C ASN A 168 -2.66 14.53 -25.40
N VAL A 169 -2.13 13.85 -24.40
CA VAL A 169 -1.63 14.53 -23.20
C VAL A 169 -0.19 14.94 -23.45
N LYS A 170 0.18 16.16 -23.07
CA LYS A 170 1.51 16.64 -23.39
C LYS A 170 2.51 16.20 -22.32
N GLY A 171 3.72 15.83 -22.78
CA GLY A 171 4.66 15.09 -21.97
C GLY A 171 4.64 13.59 -22.19
N VAL A 172 3.74 13.08 -23.03
CA VAL A 172 3.61 11.65 -23.29
C VAL A 172 3.63 11.44 -24.80
N VAL A 173 4.40 10.46 -25.25
CA VAL A 173 4.45 10.07 -26.66
C VAL A 173 4.09 8.59 -26.75
N TYR A 174 3.85 8.15 -28.00
CA TYR A 174 3.46 6.79 -28.29
C TYR A 174 4.42 6.18 -29.29
N ARG A 175 4.90 4.98 -29.00
CA ARG A 175 5.87 4.32 -29.85
C ARG A 175 5.45 2.88 -30.13
N PRO A 176 5.58 2.43 -31.37
CA PRO A 176 5.27 1.03 -31.69
C PRO A 176 6.37 0.09 -31.20
N VAL A 177 6.03 -1.19 -31.16
CA VAL A 177 6.94 -2.22 -30.67
C VAL A 177 7.72 -2.79 -31.86
N ALA A 178 9.03 -2.94 -31.66
CA ALA A 178 9.93 -3.38 -32.73
C ALA A 178 10.01 -4.91 -32.80
N ASP A 179 10.20 -5.41 -34.02
CA ASP A 179 10.42 -6.84 -34.26
C ASP A 179 9.31 -7.69 -33.66
N GLN A 180 8.09 -7.16 -33.68
CA GLN A 180 6.96 -7.77 -33.00
C GLN A 180 5.69 -7.07 -33.44
N MET A 181 4.57 -7.77 -33.33
CA MET A 181 3.25 -7.23 -33.65
C MET A 181 2.30 -7.51 -32.50
N PRO A 182 2.50 -6.89 -31.33
CA PRO A 182 1.52 -7.03 -30.25
C PRO A 182 0.21 -6.40 -30.68
N VAL A 183 -0.90 -7.05 -30.30
CA VAL A 183 -2.19 -6.69 -30.88
C VAL A 183 -3.28 -6.76 -29.80
N ALA A 184 -4.28 -5.91 -29.95
CA ALA A 184 -5.43 -5.84 -29.06
C ALA A 184 -6.66 -6.35 -29.80
N LYS A 185 -7.50 -7.10 -29.09
CA LYS A 185 -8.66 -7.75 -29.69
C LYS A 185 -9.95 -7.20 -29.11
N LEU A 186 -10.98 -7.14 -29.96
CA LEU A 186 -12.32 -6.70 -29.59
C LEU A 186 -13.32 -7.69 -30.15
N ALA A 187 -14.52 -7.71 -29.57
CA ALA A 187 -15.52 -8.70 -29.97
C ALA A 187 -16.93 -8.13 -29.83
N LEU A 188 -17.80 -8.50 -30.77
CA LEU A 188 -19.23 -8.21 -30.69
C LEU A 188 -19.94 -9.41 -30.09
N ALA A 189 -20.67 -9.18 -28.99
CA ALA A 189 -21.32 -10.25 -28.25
C ALA A 189 -22.82 -10.01 -28.16
N TYR A 190 -23.59 -11.09 -28.33
CA TYR A 190 -25.04 -11.03 -28.19
C TYR A 190 -25.55 -12.41 -27.83
N ARG A 191 -26.82 -12.48 -27.45
CA ARG A 191 -27.40 -13.74 -27.01
C ARG A 191 -27.63 -14.68 -28.18
N ARG A 192 -27.34 -15.96 -27.96
CA ARG A 192 -27.61 -16.97 -28.97
C ARG A 192 -29.11 -17.13 -29.16
N GLY A 193 -29.54 -17.17 -30.43
CA GLY A 193 -30.94 -17.36 -30.74
C GLY A 193 -31.79 -16.10 -30.73
N ASP A 194 -31.19 -14.94 -30.45
CA ASP A 194 -31.94 -13.69 -30.42
C ASP A 194 -32.24 -13.25 -31.84
N THR A 195 -33.53 -13.24 -32.21
CA THR A 195 -33.97 -12.90 -33.55
C THR A 195 -34.46 -11.46 -33.66
N SER A 196 -34.09 -10.60 -32.72
CA SER A 196 -34.58 -9.23 -32.71
C SER A 196 -34.16 -8.52 -34.00
N PRO A 197 -35.08 -7.85 -34.69
CA PRO A 197 -34.70 -7.16 -35.93
C PRO A 197 -33.75 -6.00 -35.70
N THR A 198 -33.96 -5.23 -34.62
CA THR A 198 -33.05 -4.13 -34.31
C THR A 198 -31.64 -4.66 -34.04
N LEU A 199 -31.54 -5.74 -33.27
CA LEU A 199 -30.24 -6.35 -33.03
C LEU A 199 -29.64 -6.86 -34.33
N ARG A 200 -30.46 -7.51 -35.16
CA ARG A 200 -29.97 -8.02 -36.44
C ARG A 200 -29.45 -6.89 -37.31
N ASN A 201 -30.17 -5.77 -37.36
CA ASN A 201 -29.73 -4.63 -38.16
C ASN A 201 -28.41 -4.07 -37.65
N PHE A 202 -28.25 -4.01 -36.32
CA PHE A 202 -27.03 -3.46 -35.75
C PHE A 202 -25.82 -4.35 -36.02
N ILE A 203 -26.01 -5.67 -35.93
CA ILE A 203 -24.91 -6.59 -36.19
C ILE A 203 -24.44 -6.45 -37.64
N LEU A 204 -25.39 -6.38 -38.57
CA LEU A 204 -25.05 -6.30 -39.99
C LEU A 204 -24.35 -4.98 -40.32
N LYS A 205 -24.69 -3.89 -39.64
CA LYS A 205 -23.96 -2.64 -39.85
C LYS A 205 -22.57 -2.73 -39.24
N VAL A 206 -22.40 -3.52 -38.18
CA VAL A 206 -21.08 -3.74 -37.60
C VAL A 206 -20.27 -4.66 -38.50
N THR A 207 -20.89 -5.71 -39.01
CA THR A 207 -20.21 -6.77 -39.75
C THR A 207 -20.14 -6.44 -41.23
N GLY A 208 -19.06 -6.86 -41.87
CA GLY A 208 -18.92 -6.70 -43.31
C GLY A 208 -17.69 -5.92 -43.73
N MET B 1 24.18 6.74 50.44
CA MET B 1 23.70 8.12 50.52
C MET B 1 23.99 8.88 49.23
N ALA B 2 24.92 9.83 49.29
CA ALA B 2 25.36 10.58 48.12
C ALA B 2 26.45 9.85 47.34
N ARG B 3 26.77 8.61 47.71
CA ARG B 3 27.74 7.81 46.97
C ARG B 3 27.13 7.10 45.78
N GLY B 4 25.85 7.35 45.48
CA GLY B 4 25.17 6.61 44.43
C GLY B 4 24.53 5.33 44.90
N GLU B 5 24.34 5.14 46.21
CA GLU B 5 23.69 3.97 46.75
C GLU B 5 22.20 4.17 47.00
N SER B 6 21.72 5.40 46.97
CA SER B 6 20.31 5.72 47.09
C SER B 6 19.92 6.70 45.99
N GLY B 7 18.63 6.72 45.67
CA GLY B 7 18.14 7.63 44.65
C GLY B 7 17.50 6.93 43.46
N VAL B 8 17.40 7.64 42.34
CA VAL B 8 16.77 7.11 41.14
C VAL B 8 17.75 7.20 39.98
N LEU B 9 17.57 6.30 39.01
CA LEU B 9 18.37 6.30 37.79
C LEU B 9 17.49 5.84 36.65
N ARG B 10 17.39 6.66 35.61
CA ARG B 10 16.54 6.37 34.45
C ARG B 10 17.44 5.99 33.29
N VAL B 11 17.40 4.71 32.90
CA VAL B 11 18.26 4.16 31.86
C VAL B 11 17.40 3.85 30.64
N GLY B 12 17.73 4.49 29.51
CA GLY B 12 17.09 4.17 28.27
C GLY B 12 17.89 3.16 27.46
N PHE B 13 17.19 2.47 26.55
CA PHE B 13 17.83 1.47 25.71
C PHE B 13 16.93 1.15 24.53
N THR B 14 17.55 0.82 23.41
CA THR B 14 16.80 0.34 22.25
C THR B 14 16.63 -1.17 22.34
N ALA B 15 15.61 -1.67 21.63
CA ALA B 15 15.37 -3.11 21.61
C ALA B 15 16.55 -3.85 20.98
N SER B 16 17.07 -3.32 19.87
CA SER B 16 18.21 -3.95 19.21
C SER B 16 19.41 -4.04 20.13
N ALA B 17 19.66 -2.97 20.91
CA ALA B 17 20.79 -2.96 21.82
C ALA B 17 20.58 -3.91 23.00
N ALA B 18 19.32 -4.15 23.39
CA ALA B 18 19.05 -5.01 24.53
C ALA B 18 19.56 -6.43 24.31
N PHE B 19 19.71 -6.85 23.05
CA PHE B 19 20.27 -8.17 22.79
C PHE B 19 21.77 -8.20 23.01
N ASN B 20 22.44 -7.05 22.90
CA ASN B 20 23.85 -6.98 23.19
C ASN B 20 24.10 -7.23 24.68
N SER B 21 25.14 -8.00 24.99
CA SER B 21 25.41 -8.39 26.37
C SER B 21 25.84 -7.24 27.25
N VAL B 22 26.20 -6.08 26.68
CA VAL B 22 26.69 -4.97 27.49
C VAL B 22 25.56 -4.32 28.27
N VAL B 23 24.35 -4.29 27.71
CA VAL B 23 23.23 -3.57 28.33
C VAL B 23 22.72 -4.30 29.56
N PRO B 24 22.25 -5.56 29.47
CA PRO B 24 21.75 -6.21 30.69
C PRO B 24 22.85 -6.52 31.69
N GLY B 25 24.08 -6.74 31.23
CA GLY B 25 25.17 -6.94 32.16
C GLY B 25 25.47 -5.71 32.99
N ALA B 26 25.39 -4.52 32.37
CA ALA B 26 25.59 -3.28 33.10
C ALA B 26 24.49 -3.08 34.14
N ILE B 27 23.23 -3.31 33.73
CA ILE B 27 22.12 -3.20 34.68
C ILE B 27 22.25 -4.23 35.79
N ARG B 28 22.67 -5.44 35.44
CA ARG B 28 22.84 -6.49 36.43
C ARG B 28 23.92 -6.12 37.44
N THR B 29 25.10 -5.70 36.94
CA THR B 29 26.19 -5.37 37.84
C THR B 29 25.86 -4.15 38.68
N PHE B 30 25.14 -3.18 38.11
CA PHE B 30 24.75 -2.00 38.88
C PHE B 30 23.73 -2.35 39.96
N LYS B 31 22.85 -3.31 39.70
CA LYS B 31 21.81 -3.65 40.67
C LYS B 31 22.35 -4.49 41.82
N ARG B 32 23.37 -5.31 41.56
CA ARG B 32 24.02 -6.05 42.64
C ARG B 32 24.96 -5.16 43.46
N ALA B 33 25.47 -4.09 42.87
CA ALA B 33 26.36 -3.16 43.56
C ALA B 33 25.60 -2.11 44.36
N TYR B 34 24.48 -1.61 43.82
CA TYR B 34 23.67 -0.59 44.48
C TYR B 34 22.22 -1.02 44.43
N PRO B 35 21.81 -1.97 45.27
CA PRO B 35 20.45 -2.51 45.17
C PRO B 35 19.37 -1.55 45.66
N ASP B 36 19.71 -0.55 46.47
CA ASP B 36 18.71 0.38 46.97
C ASP B 36 18.36 1.49 45.98
N VAL B 37 19.08 1.59 44.87
CA VAL B 37 18.77 2.59 43.86
C VAL B 37 17.61 2.08 43.01
N ARG B 38 16.59 2.92 42.84
CA ARG B 38 15.43 2.56 42.03
C ARG B 38 15.74 2.83 40.57
N LEU B 39 15.84 1.77 39.76
CA LEU B 39 16.13 1.91 38.34
C LEU B 39 14.83 2.02 37.57
N GLN B 40 14.77 2.99 36.66
CA GLN B 40 13.62 3.18 35.78
C GLN B 40 14.06 2.83 34.36
N LEU B 41 13.73 1.62 33.93
CA LEU B 41 14.12 1.13 32.62
C LEU B 41 13.08 1.53 31.57
N GLU B 42 13.57 1.95 30.40
CA GLU B 42 12.70 2.47 29.36
C GLU B 42 13.25 2.06 28.00
N GLU B 43 12.35 1.59 27.13
CA GLU B 43 12.72 1.24 25.76
C GLU B 43 12.28 2.35 24.82
N GLY B 44 13.13 2.65 23.84
CA GLY B 44 12.78 3.59 22.80
C GLY B 44 13.82 3.52 21.69
N ASN B 45 13.42 4.00 20.52
CA ASN B 45 14.38 4.14 19.44
C ASN B 45 15.32 5.31 19.74
N THR B 46 16.45 5.33 19.02
CA THR B 46 17.55 6.24 19.34
C THR B 46 17.08 7.68 19.40
N THR B 47 16.29 8.11 18.42
CA THR B 47 15.85 9.50 18.35
C THR B 47 15.06 9.89 19.61
N GLN B 48 14.17 9.00 20.06
CA GLN B 48 13.37 9.30 21.25
C GLN B 48 14.23 9.36 22.51
N LEU B 49 15.22 8.46 22.62
CA LEU B 49 16.09 8.48 23.79
C LEU B 49 16.96 9.73 23.82
N ALA B 50 17.41 10.18 22.65
CA ALA B 50 18.22 11.40 22.59
C ALA B 50 17.40 12.60 23.00
N ASP B 51 16.16 12.70 22.53
CA ASP B 51 15.28 13.79 22.96
C ASP B 51 15.03 13.72 24.45
N GLU B 52 14.90 12.51 24.99
CA GLU B 52 14.68 12.34 26.43
C GLU B 52 15.89 12.80 27.23
N LEU B 53 17.09 12.54 26.72
CA LEU B 53 18.30 12.98 27.42
C LEU B 53 18.41 14.50 27.42
N ASN B 54 17.83 15.17 26.42
CA ASN B 54 17.92 16.63 26.34
C ASN B 54 16.87 17.29 27.23
N GLU B 55 15.65 16.76 27.25
CA GLU B 55 14.59 17.33 28.07
C GLU B 55 14.77 17.05 29.56
N GLY B 56 15.70 16.16 29.93
CA GLY B 56 15.92 15.84 31.32
C GLY B 56 15.14 14.66 31.83
N SER B 57 14.37 13.98 30.99
CA SER B 57 13.61 12.82 31.41
C SER B 57 14.44 11.54 31.46
N LEU B 58 15.66 11.56 30.94
CA LEU B 58 16.57 10.43 31.01
C LEU B 58 17.93 10.92 31.48
N ASP B 59 18.72 9.98 32.02
CA ASP B 59 20.07 10.28 32.47
C ASP B 59 21.16 9.51 31.72
N VAL B 60 20.81 8.41 31.07
CA VAL B 60 21.77 7.59 30.33
C VAL B 60 20.98 6.68 29.40
N ALA B 61 21.53 6.43 28.21
CA ALA B 61 20.83 5.63 27.22
C ALA B 61 21.82 4.90 26.33
N PHE B 62 21.57 3.61 26.10
CA PHE B 62 22.29 2.85 25.09
C PHE B 62 21.64 3.11 23.74
N LEU B 63 22.34 3.83 22.87
CA LEU B 63 21.78 4.24 21.59
C LEU B 63 22.74 3.92 20.46
N ARG B 64 22.21 4.02 19.25
CA ARG B 64 22.97 3.83 18.04
C ARG B 64 23.51 5.18 17.66
N PRO B 65 24.82 5.25 17.57
CA PRO B 65 25.56 6.47 17.24
C PRO B 65 25.17 6.98 15.84
N GLY B 66 25.05 8.27 15.63
CA GLY B 66 24.63 8.74 14.34
C GLY B 66 23.30 9.43 14.24
N PHE B 67 22.75 9.80 15.37
CA PHE B 67 21.50 10.55 15.42
C PHE B 67 21.81 12.01 15.21
N THR B 68 20.84 12.83 14.87
CA THR B 68 21.18 14.23 14.65
C THR B 68 21.51 14.95 15.91
N GLY B 69 22.78 15.05 16.21
CA GLY B 69 23.22 15.74 17.38
C GLY B 69 24.06 15.02 18.38
N ASN B 70 25.02 14.22 17.94
CA ASN B 70 25.90 13.50 18.87
C ASN B 70 26.68 14.45 19.77
N GLU B 71 27.12 15.59 19.23
CA GLU B 71 27.91 16.57 19.97
C GLU B 71 27.15 17.07 21.19
N ARG B 72 25.85 17.28 21.08
CA ARG B 72 25.09 17.71 22.23
C ARG B 72 25.27 16.90 23.54
N PHE B 73 25.79 15.68 23.48
CA PHE B 73 25.99 14.88 24.68
C PHE B 73 27.43 14.39 24.77
N GLN B 74 27.73 13.76 25.90
CA GLN B 74 28.94 12.95 26.04
C GLN B 74 28.64 11.54 25.59
N LEU B 75 29.57 10.95 24.83
CA LEU B 75 29.37 9.62 24.28
C LEU B 75 30.61 8.77 24.51
N ARG B 76 30.41 7.61 25.13
CA ARG B 76 31.45 6.61 25.33
C ARG B 76 31.17 5.48 24.35
N LEU B 77 31.93 5.45 23.25
CA LEU B 77 31.75 4.41 22.24
C LEU B 77 31.96 3.03 22.86
N LEU B 78 31.00 2.14 22.67
CA LEU B 78 31.01 0.84 23.30
C LEU B 78 31.55 -0.22 22.34
N SER B 79 31.61 -1.45 22.83
CA SER B 79 32.19 -2.55 22.05
C SER B 79 31.44 -2.76 20.75
N GLU B 80 32.18 -3.03 19.68
CA GLU B 80 31.60 -3.31 18.39
C GLU B 80 31.31 -4.80 18.26
N GLU B 81 30.31 -5.12 17.44
CA GLU B 81 29.93 -6.49 17.18
C GLU B 81 29.71 -6.67 15.68
N PRO B 82 30.00 -7.85 15.14
CA PRO B 82 29.89 -8.05 13.69
C PRO B 82 28.45 -8.19 13.24
N MET B 83 28.19 -7.71 12.02
CA MET B 83 26.89 -7.85 11.39
C MET B 83 26.87 -9.14 10.59
N VAL B 84 25.83 -9.94 10.78
CA VAL B 84 25.72 -11.25 10.15
C VAL B 84 24.49 -11.26 9.25
N ILE B 85 24.48 -12.23 8.33
CA ILE B 85 23.38 -12.41 7.38
C ILE B 85 22.35 -13.34 7.99
N VAL B 86 21.07 -13.01 7.78
CA VAL B 86 19.96 -13.85 8.21
C VAL B 86 19.29 -14.42 6.97
N LEU B 87 19.18 -15.75 6.93
CA LEU B 87 18.58 -16.42 5.79
C LEU B 87 17.96 -17.73 6.27
N ALA B 88 17.04 -18.26 5.47
CA ALA B 88 16.39 -19.51 5.83
C ALA B 88 17.35 -20.67 5.67
N GLU B 89 17.28 -21.63 6.59
CA GLU B 89 18.07 -22.84 6.46
C GLU B 89 17.78 -23.57 5.16
N THR B 90 16.63 -23.31 4.54
CA THR B 90 16.34 -23.87 3.23
C THR B 90 17.16 -23.19 2.14
N HIS B 91 17.51 -21.92 2.32
CA HIS B 91 18.11 -21.14 1.25
C HIS B 91 19.35 -21.82 0.71
N PRO B 92 19.56 -21.84 -0.61
CA PRO B 92 20.74 -22.52 -1.16
C PRO B 92 22.05 -21.95 -0.65
N ALA B 93 22.11 -20.64 -0.39
CA ALA B 93 23.32 -20.03 0.13
C ALA B 93 23.56 -20.34 1.59
N ALA B 94 22.61 -20.96 2.29
CA ALA B 94 22.83 -21.38 3.66
C ALA B 94 23.87 -22.48 3.78
N ALA B 95 24.22 -23.15 2.67
CA ALA B 95 25.26 -24.16 2.68
C ALA B 95 26.66 -23.56 2.62
N CYS B 96 26.79 -22.27 2.31
CA CYS B 96 28.08 -21.61 2.33
C CYS B 96 28.47 -21.26 3.75
N LYS B 97 29.75 -21.43 4.07
CA LYS B 97 30.24 -21.09 5.40
C LYS B 97 30.25 -19.57 5.60
N GLN B 98 30.79 -18.84 4.64
CA GLN B 98 30.69 -17.39 4.58
C GLN B 98 30.05 -17.01 3.25
N ILE B 99 29.19 -16.00 3.28
CA ILE B 99 28.40 -15.60 2.12
C ILE B 99 28.95 -14.29 1.58
N ALA B 100 29.36 -14.30 0.31
CA ALA B 100 29.71 -13.07 -0.39
C ALA B 100 28.44 -12.36 -0.80
N LEU B 101 28.29 -11.10 -0.37
CA LEU B 101 27.02 -10.40 -0.54
C LEU B 101 26.64 -10.25 -2.00
N SER B 102 27.62 -10.27 -2.92
CA SER B 102 27.31 -10.23 -4.34
C SER B 102 26.40 -11.39 -4.75
N ILE B 103 26.48 -12.50 -4.02
CA ILE B 103 25.64 -13.65 -4.36
C ILE B 103 24.17 -13.34 -4.11
N LEU B 104 23.87 -12.48 -3.14
CA LEU B 104 22.51 -12.10 -2.82
C LEU B 104 22.07 -10.77 -3.45
N LYS B 105 22.76 -10.32 -4.51
CA LYS B 105 22.44 -9.02 -5.10
C LYS B 105 21.03 -8.96 -5.66
N ASP B 106 20.43 -10.10 -6.00
CA ASP B 106 19.11 -10.14 -6.60
C ASP B 106 18.05 -10.64 -5.63
N GLU B 107 18.40 -10.84 -4.36
CA GLU B 107 17.45 -11.30 -3.36
C GLU B 107 16.84 -10.10 -2.64
N PHE B 108 15.59 -10.28 -2.20
CA PHE B 108 14.89 -9.24 -1.47
C PHE B 108 15.39 -9.17 -0.03
N PHE B 109 15.67 -7.96 0.45
CA PHE B 109 16.19 -7.74 1.78
C PHE B 109 15.08 -7.30 2.72
N LEU B 110 14.96 -7.99 3.85
CA LEU B 110 13.98 -7.63 4.89
C LEU B 110 14.68 -6.67 5.85
N LEU B 111 14.45 -5.38 5.69
CA LEU B 111 15.21 -4.36 6.39
C LEU B 111 14.31 -3.54 7.31
N PHE B 112 14.82 -2.40 7.73
CA PHE B 112 14.22 -1.56 8.75
C PHE B 112 14.41 -0.10 8.36
N PRO B 113 13.61 0.80 8.92
CA PRO B 113 13.82 2.24 8.63
C PRO B 113 15.19 2.70 9.10
N ARG B 114 15.83 3.52 8.25
CA ARG B 114 17.16 4.03 8.59
C ARG B 114 17.12 4.90 9.84
N GLU B 115 16.01 5.59 10.08
CA GLU B 115 15.89 6.44 11.27
C GLU B 115 16.06 5.61 12.55
N ILE B 116 15.50 4.40 12.57
CA ILE B 116 15.61 3.56 13.76
C ILE B 116 17.00 2.95 13.85
N GLY B 117 17.47 2.34 12.77
CA GLY B 117 18.72 1.62 12.78
C GLY B 117 19.98 2.47 12.76
N LEU B 118 19.95 3.55 11.97
CA LEU B 118 21.09 4.44 11.81
C LEU B 118 22.34 3.70 11.36
N SER B 119 23.28 3.48 12.28
CA SER B 119 24.53 2.80 11.93
C SER B 119 24.28 1.38 11.45
N LEU B 120 23.23 0.73 11.96
CA LEU B 120 22.90 -0.62 11.50
C LEU B 120 22.50 -0.62 10.03
N TYR B 121 21.74 0.40 9.61
CA TYR B 121 21.36 0.50 8.20
C TYR B 121 22.57 0.80 7.32
N ASP B 122 23.41 1.75 7.75
CA ASP B 122 24.57 2.12 6.95
C ASP B 122 25.51 0.94 6.77
N ALA B 123 25.67 0.11 7.80
CA ALA B 123 26.54 -1.05 7.70
C ALA B 123 26.08 -2.01 6.61
N VAL B 124 24.77 -2.21 6.49
CA VAL B 124 24.25 -3.09 5.45
C VAL B 124 24.43 -2.47 4.08
N ILE B 125 24.22 -1.16 3.96
CA ILE B 125 24.32 -0.51 2.66
C ILE B 125 25.76 -0.48 2.16
N LYS B 126 26.70 -0.13 3.04
CA LYS B 126 28.11 -0.13 2.65
C LYS B 126 28.59 -1.55 2.37
N ALA B 127 28.13 -2.52 3.16
CA ALA B 127 28.52 -3.91 2.91
C ALA B 127 28.05 -4.38 1.54
N CYS B 128 26.83 -4.01 1.15
CA CYS B 128 26.39 -4.28 -0.22
C CYS B 128 27.10 -3.39 -1.23
N GLY B 129 27.40 -2.15 -0.84
CA GLY B 129 28.14 -1.27 -1.74
C GLY B 129 29.54 -1.80 -2.04
N LYS B 130 30.19 -2.39 -1.04
CA LYS B 130 31.47 -3.04 -1.27
C LYS B 130 31.32 -4.25 -2.18
N ALA B 131 30.18 -4.93 -2.11
CA ALA B 131 29.88 -6.07 -2.98
C ALA B 131 29.37 -5.64 -4.35
N GLY B 132 29.24 -4.35 -4.61
CA GLY B 132 28.94 -3.86 -5.93
C GLY B 132 27.48 -3.74 -6.28
N PHE B 133 26.61 -3.43 -5.31
CA PHE B 133 25.19 -3.26 -5.59
C PHE B 133 24.53 -2.56 -4.42
N GLU B 134 23.30 -2.09 -4.68
CA GLU B 134 22.41 -1.56 -3.66
C GLU B 134 21.37 -2.60 -3.32
N PRO B 135 21.10 -2.87 -2.04
CA PRO B 135 20.16 -3.94 -1.69
C PRO B 135 18.76 -3.65 -2.20
N LYS B 136 18.14 -4.67 -2.78
CA LYS B 136 16.76 -4.60 -3.24
C LYS B 136 15.86 -4.99 -2.07
N ILE B 137 15.18 -4.01 -1.50
CA ILE B 137 14.42 -4.23 -0.27
C ILE B 137 13.01 -4.70 -0.61
N GLY B 138 12.52 -5.66 0.17
CA GLY B 138 11.19 -6.19 -0.03
C GLY B 138 10.22 -5.81 1.07
N GLN B 139 10.70 -5.72 2.31
CA GLN B 139 9.87 -5.34 3.44
C GLN B 139 10.65 -4.44 4.39
N LEU B 140 9.94 -3.48 4.98
CA LEU B 140 10.46 -2.65 6.05
C LEU B 140 9.72 -2.95 7.34
N VAL B 141 10.46 -3.05 8.43
CA VAL B 141 9.91 -3.53 9.70
C VAL B 141 10.31 -2.59 10.84
N PRO B 142 9.37 -2.19 11.70
CA PRO B 142 9.73 -1.26 12.79
C PRO B 142 10.63 -1.88 13.84
N GLN B 143 10.61 -3.20 14.01
CA GLN B 143 11.40 -3.88 15.03
C GLN B 143 12.46 -4.73 14.32
N ILE B 144 13.74 -4.35 14.50
CA ILE B 144 14.82 -4.99 13.75
C ILE B 144 14.83 -6.49 13.96
N SER B 145 14.60 -6.94 15.21
CA SER B 145 14.62 -8.37 15.50
C SER B 145 13.50 -9.13 14.81
N SER B 146 12.51 -8.44 14.24
CA SER B 146 11.40 -9.11 13.58
C SER B 146 11.70 -9.48 12.13
N VAL B 147 12.84 -9.04 11.59
CA VAL B 147 13.23 -9.50 10.25
C VAL B 147 13.52 -10.99 10.28
N ILE B 148 13.89 -11.52 11.44
CA ILE B 148 14.20 -12.95 11.55
C ILE B 148 12.95 -13.78 11.32
N ASN B 149 11.82 -13.38 11.92
CA ASN B 149 10.57 -14.12 11.73
C ASN B 149 10.10 -14.05 10.28
N LEU B 150 10.33 -12.93 9.60
CA LEU B 150 9.96 -12.85 8.19
C LEU B 150 10.89 -13.67 7.32
N VAL B 151 12.13 -13.88 7.76
CA VAL B 151 13.02 -14.79 7.05
C VAL B 151 12.50 -16.21 7.12
N SER B 152 11.94 -16.60 8.26
CA SER B 152 11.33 -17.93 8.39
C SER B 152 10.12 -18.07 7.47
N ALA B 153 9.46 -16.96 7.14
CA ALA B 153 8.36 -16.96 6.19
C ALA B 153 8.82 -16.98 4.74
N GLU B 154 10.11 -17.18 4.50
CA GLU B 154 10.69 -17.21 3.16
C GLU B 154 10.40 -15.92 2.40
N MET B 155 10.47 -14.80 3.09
CA MET B 155 10.18 -13.50 2.51
C MET B 155 11.43 -12.77 2.03
N GLY B 156 12.60 -13.30 2.28
CA GLY B 156 13.83 -12.71 1.81
C GLY B 156 14.95 -12.98 2.79
N VAL B 157 15.93 -12.07 2.79
CA VAL B 157 17.11 -12.17 3.64
C VAL B 157 17.27 -10.86 4.40
N SER B 158 18.22 -10.85 5.32
CA SER B 158 18.44 -9.68 6.17
C SER B 158 19.85 -9.74 6.76
N MET B 159 20.25 -8.61 7.35
CA MET B 159 21.52 -8.49 8.06
C MET B 159 21.25 -7.89 9.44
N VAL B 160 21.71 -8.58 10.48
CA VAL B 160 21.43 -8.16 11.85
C VAL B 160 22.74 -8.19 12.64
N PRO B 161 22.77 -7.55 13.81
CA PRO B 161 23.93 -7.71 14.70
C PRO B 161 24.09 -9.15 15.16
N ASP B 162 25.33 -9.50 15.53
CA ASP B 162 25.61 -10.86 15.96
C ASP B 162 24.88 -11.23 17.24
N SER B 163 24.49 -10.26 18.05
CA SER B 163 23.76 -10.56 19.29
C SER B 163 22.36 -11.10 19.02
N MET B 164 21.78 -10.80 17.86
CA MET B 164 20.44 -11.28 17.53
C MET B 164 20.40 -12.75 17.16
N ARG B 165 21.55 -13.43 17.13
CA ARG B 165 21.56 -14.87 16.92
C ARG B 165 21.00 -15.63 18.11
N GLN B 166 20.81 -14.96 19.25
CA GLN B 166 20.09 -15.55 20.38
C GLN B 166 18.64 -15.83 20.05
N VAL B 167 18.10 -15.24 18.98
CA VAL B 167 16.76 -15.55 18.50
C VAL B 167 16.86 -16.80 17.64
N ASN B 168 16.50 -17.96 18.21
CA ASN B 168 16.61 -19.24 17.51
C ASN B 168 15.24 -19.66 17.02
N VAL B 169 14.82 -19.06 15.90
CA VAL B 169 13.57 -19.43 15.25
C VAL B 169 13.83 -20.62 14.34
N LYS B 170 12.91 -21.59 14.36
CA LYS B 170 13.03 -22.75 13.48
C LYS B 170 13.00 -22.33 12.02
N GLY B 171 13.99 -22.78 11.25
CA GLY B 171 14.07 -22.49 9.84
C GLY B 171 14.95 -21.31 9.46
N VAL B 172 15.62 -20.69 10.42
CA VAL B 172 16.47 -19.54 10.18
C VAL B 172 17.88 -19.86 10.65
N VAL B 173 18.87 -19.55 9.81
CA VAL B 173 20.28 -19.69 10.16
C VAL B 173 20.97 -18.36 9.92
N TYR B 174 22.12 -18.18 10.57
CA TYR B 174 22.92 -16.97 10.45
C TYR B 174 24.29 -17.33 9.89
N ARG B 175 24.83 -16.43 9.05
CA ARG B 175 26.10 -16.67 8.38
C ARG B 175 26.95 -15.41 8.39
N PRO B 176 28.26 -15.55 8.58
CA PRO B 176 29.14 -14.37 8.55
C PRO B 176 29.37 -13.87 7.12
N VAL B 177 29.59 -12.58 7.01
CA VAL B 177 29.81 -11.94 5.72
C VAL B 177 31.27 -12.17 5.30
N ALA B 178 31.47 -12.51 4.04
CA ALA B 178 32.79 -12.84 3.53
C ALA B 178 33.47 -11.61 2.93
N ASP B 179 34.80 -11.58 3.05
CA ASP B 179 35.70 -10.62 2.42
C ASP B 179 35.52 -9.20 2.95
N GLN B 180 34.73 -9.00 3.99
CA GLN B 180 34.60 -7.70 4.63
C GLN B 180 34.12 -7.91 6.06
N MET B 181 34.23 -6.85 6.87
CA MET B 181 33.90 -6.91 8.29
C MET B 181 32.83 -5.86 8.61
N PRO B 182 31.58 -6.09 8.19
CA PRO B 182 30.51 -5.16 8.56
C PRO B 182 30.20 -5.26 10.05
N VAL B 183 30.10 -4.11 10.71
CA VAL B 183 29.99 -4.07 12.16
C VAL B 183 28.79 -3.22 12.57
N ALA B 184 28.28 -3.51 13.76
CA ALA B 184 27.24 -2.72 14.41
C ALA B 184 27.85 -1.90 15.53
N LYS B 185 27.48 -0.63 15.61
CA LYS B 185 28.04 0.28 16.59
C LYS B 185 27.05 0.56 17.71
N LEU B 186 27.61 0.93 18.87
CA LEU B 186 26.81 1.23 20.05
C LEU B 186 27.59 2.18 20.94
N ALA B 187 26.87 3.05 21.64
CA ALA B 187 27.51 4.05 22.50
C ALA B 187 26.63 4.32 23.71
N LEU B 188 27.27 4.71 24.81
CA LEU B 188 26.58 5.13 26.02
C LEU B 188 26.59 6.65 26.06
N ALA B 189 25.39 7.25 26.04
CA ALA B 189 25.25 8.70 25.98
C ALA B 189 24.59 9.22 27.24
N TYR B 190 25.12 10.32 27.77
CA TYR B 190 24.57 10.98 28.94
C TYR B 190 24.79 12.49 28.77
N ARG B 191 24.17 13.26 29.65
CA ARG B 191 24.29 14.71 29.58
C ARG B 191 25.69 15.15 30.02
N ARG B 192 26.26 16.09 29.27
CA ARG B 192 27.55 16.66 29.63
C ARG B 192 27.40 17.53 30.86
N GLY B 193 28.31 17.36 31.83
CA GLY B 193 28.25 18.12 33.05
C GLY B 193 27.33 17.55 34.11
N ASP B 194 26.75 16.38 33.88
CA ASP B 194 25.84 15.76 34.85
C ASP B 194 26.66 15.11 35.94
N THR B 195 26.58 15.67 37.16
CA THR B 195 27.36 15.20 38.30
C THR B 195 26.62 14.16 39.12
N SER B 196 25.56 13.56 38.59
CA SER B 196 24.75 12.63 39.36
C SER B 196 25.59 11.45 39.83
N PRO B 197 25.61 11.15 41.14
CA PRO B 197 26.44 10.03 41.61
C PRO B 197 25.93 8.67 41.16
N THR B 198 24.61 8.49 41.05
CA THR B 198 24.08 7.24 40.53
C THR B 198 24.38 7.09 39.04
N LEU B 199 24.35 8.20 38.30
CA LEU B 199 24.71 8.16 36.88
C LEU B 199 26.18 7.80 36.70
N ARG B 200 27.05 8.39 37.53
CA ARG B 200 28.48 8.07 37.46
C ARG B 200 28.72 6.61 37.79
N ASN B 201 28.06 6.10 38.82
CA ASN B 201 28.24 4.70 39.21
C ASN B 201 27.83 3.76 38.09
N PHE B 202 26.79 4.13 37.33
CA PHE B 202 26.34 3.27 36.25
C PHE B 202 27.30 3.31 35.07
N ILE B 203 27.82 4.50 34.73
CA ILE B 203 28.71 4.62 33.59
C ILE B 203 29.98 3.80 33.82
N LEU B 204 30.56 3.89 35.02
CA LEU B 204 31.74 3.10 35.32
C LEU B 204 31.45 1.60 35.28
N LYS B 205 30.19 1.22 35.49
CA LYS B 205 29.83 -0.19 35.47
C LYS B 205 29.74 -0.74 34.06
N VAL B 206 29.42 0.11 33.08
CA VAL B 206 29.40 -0.34 31.69
C VAL B 206 30.82 -0.61 31.19
N THR B 207 31.72 0.34 31.42
CA THR B 207 33.11 0.20 31.01
C THR B 207 33.88 -0.70 31.97
N SER C 6 -5.38 -4.32 -6.09
CA SER C 6 -5.27 -5.49 -6.95
C SER C 6 -3.84 -6.00 -7.02
N GLY C 7 -3.68 -7.31 -6.93
CA GLY C 7 -2.37 -7.94 -6.95
C GLY C 7 -1.54 -7.73 -5.70
N VAL C 8 -2.08 -7.08 -4.67
CA VAL C 8 -1.37 -6.85 -3.42
C VAL C 8 -2.26 -7.29 -2.27
N LEU C 9 -1.66 -7.93 -1.27
CA LEU C 9 -2.36 -8.33 -0.06
C LEU C 9 -1.61 -7.80 1.15
N ARG C 10 -2.25 -6.91 1.90
CA ARG C 10 -1.62 -6.28 3.06
C ARG C 10 -1.97 -7.09 4.31
N VAL C 11 -0.97 -7.74 4.88
CA VAL C 11 -1.14 -8.64 6.03
C VAL C 11 -0.48 -8.02 7.25
N GLY C 12 -1.19 -8.04 8.37
CA GLY C 12 -0.65 -7.50 9.62
C GLY C 12 -0.38 -8.57 10.66
N PHE C 13 0.44 -8.23 11.64
CA PHE C 13 0.83 -9.15 12.71
C PHE C 13 1.56 -8.38 13.79
N THR C 14 1.54 -8.92 15.00
CA THR C 14 2.28 -8.32 16.09
C THR C 14 3.66 -8.97 16.21
N ALA C 15 4.54 -8.33 16.97
CA ALA C 15 5.90 -8.84 17.14
C ALA C 15 5.90 -10.19 17.81
N SER C 16 5.11 -10.35 18.88
CA SER C 16 5.05 -11.63 19.57
C SER C 16 4.33 -12.68 18.73
N ALA C 17 3.27 -12.27 18.03
CA ALA C 17 2.50 -13.22 17.22
C ALA C 17 3.34 -13.83 16.11
N ALA C 18 4.34 -13.10 15.61
CA ALA C 18 5.21 -13.62 14.56
C ALA C 18 5.94 -14.88 15.00
N PHE C 19 6.11 -15.09 16.31
CA PHE C 19 6.75 -16.30 16.80
C PHE C 19 5.81 -17.50 16.83
N ASN C 20 4.50 -17.27 16.76
CA ASN C 20 3.56 -18.37 16.65
C ASN C 20 3.67 -18.99 15.26
N SER C 21 3.75 -20.32 15.21
CA SER C 21 4.07 -21.01 13.97
C SER C 21 3.03 -20.74 12.88
N VAL C 22 1.80 -20.39 13.26
CA VAL C 22 0.74 -20.21 12.28
C VAL C 22 1.05 -19.04 11.34
N VAL C 23 1.63 -17.97 11.87
CA VAL C 23 1.83 -16.75 11.11
C VAL C 23 2.82 -16.98 9.96
N PRO C 24 4.07 -17.41 10.19
CA PRO C 24 4.95 -17.65 9.04
C PRO C 24 4.51 -18.84 8.21
N GLY C 25 3.92 -19.86 8.84
CA GLY C 25 3.41 -20.99 8.08
C GLY C 25 2.28 -20.62 7.14
N ALA C 26 1.50 -19.61 7.50
CA ALA C 26 0.43 -19.15 6.62
C ALA C 26 0.97 -18.29 5.48
N ILE C 27 1.96 -17.44 5.78
CA ILE C 27 2.54 -16.58 4.73
C ILE C 27 3.38 -17.41 3.77
N ARG C 28 4.27 -18.25 4.33
CA ARG C 28 5.11 -19.10 3.48
C ARG C 28 4.27 -20.02 2.61
N THR C 29 3.12 -20.47 3.10
CA THR C 29 2.23 -21.31 2.29
C THR C 29 1.47 -20.48 1.27
N PHE C 30 1.08 -19.26 1.63
CA PHE C 30 0.35 -18.40 0.69
C PHE C 30 1.27 -17.92 -0.44
N LYS C 31 2.45 -17.49 -0.09
CA LYS C 31 3.43 -17.06 -1.05
C LYS C 31 3.76 -18.16 -2.02
N ARG C 32 3.89 -19.37 -1.54
CA ARG C 32 4.19 -20.48 -2.40
C ARG C 32 3.08 -20.79 -3.39
N ALA C 33 1.86 -20.89 -2.92
CA ALA C 33 0.73 -21.12 -3.78
C ALA C 33 0.43 -19.99 -4.69
N TYR C 34 0.58 -18.75 -4.23
CA TYR C 34 0.34 -17.59 -5.08
C TYR C 34 1.54 -16.66 -5.23
N PRO C 35 2.47 -17.00 -6.11
CA PRO C 35 3.71 -16.29 -6.38
C PRO C 35 3.53 -14.91 -6.92
N ASP C 36 2.50 -14.71 -7.71
CA ASP C 36 2.26 -13.40 -8.29
C ASP C 36 1.60 -12.36 -7.39
N VAL C 37 1.09 -12.75 -6.23
CA VAL C 37 0.51 -11.77 -5.33
C VAL C 37 1.61 -11.07 -4.53
N ARG C 38 1.60 -9.76 -4.44
CA ARG C 38 2.60 -9.08 -3.63
C ARG C 38 2.14 -8.96 -2.21
N LEU C 39 2.89 -9.51 -1.28
CA LEU C 39 2.55 -9.45 0.13
C LEU C 39 3.17 -8.20 0.74
N GLN C 40 2.33 -7.29 1.24
CA GLN C 40 2.78 -6.10 1.95
C GLN C 40 2.55 -6.36 3.44
N LEU C 41 3.62 -6.70 4.16
CA LEU C 41 3.52 -7.07 5.55
C LEU C 41 3.67 -5.84 6.45
N GLU C 42 2.80 -5.75 7.45
CA GLU C 42 2.80 -4.65 8.41
C GLU C 42 2.91 -5.24 9.81
N GLU C 43 3.82 -4.69 10.60
CA GLU C 43 3.96 -5.06 12.00
C GLU C 43 3.45 -3.94 12.88
N GLY C 44 2.83 -4.32 14.00
CA GLY C 44 2.30 -3.34 14.93
C GLY C 44 1.55 -4.05 16.02
N ASN C 45 1.13 -3.27 17.02
CA ASN C 45 0.36 -3.82 18.12
C ASN C 45 -1.07 -4.08 17.67
N THR C 46 -1.82 -4.79 18.52
CA THR C 46 -3.17 -5.21 18.15
C THR C 46 -4.06 -4.00 17.86
N THR C 47 -3.97 -2.96 18.69
CA THR C 47 -4.79 -1.78 18.48
C THR C 47 -4.44 -1.09 17.16
N GLN C 48 -3.14 -1.02 16.83
CA GLN C 48 -2.74 -0.37 15.59
C GLN C 48 -3.19 -1.18 14.38
N LEU C 49 -3.08 -2.51 14.43
CA LEU C 49 -3.54 -3.33 13.32
C LEU C 49 -5.06 -3.27 13.17
N ALA C 50 -5.78 -3.10 14.28
CA ALA C 50 -7.23 -2.97 14.21
C ALA C 50 -7.63 -1.69 13.50
N ASP C 51 -6.98 -0.58 13.84
CA ASP C 51 -7.28 0.69 13.17
C ASP C 51 -6.90 0.65 11.70
N GLU C 52 -5.83 -0.06 11.36
CA GLU C 52 -5.45 -0.18 9.95
C GLU C 52 -6.51 -0.91 9.15
N LEU C 53 -7.03 -2.03 9.69
CA LEU C 53 -8.12 -2.74 9.02
C LEU C 53 -9.36 -1.87 8.92
N ASN C 54 -9.62 -1.05 9.94
CA ASN C 54 -10.77 -0.16 9.90
C ASN C 54 -10.62 0.91 8.83
N GLU C 55 -9.40 1.42 8.66
CA GLU C 55 -9.12 2.45 7.67
C GLU C 55 -8.83 1.89 6.28
N GLY C 56 -8.90 0.57 6.11
CA GLY C 56 -8.62 -0.03 4.82
C GLY C 56 -7.16 -0.06 4.43
N SER C 57 -6.24 0.22 5.37
CA SER C 57 -4.82 0.13 5.08
C SER C 57 -4.29 -1.29 5.22
N LEU C 58 -5.06 -2.20 5.80
CA LEU C 58 -4.70 -3.60 5.92
C LEU C 58 -5.83 -4.45 5.36
N ASP C 59 -5.48 -5.68 4.96
CA ASP C 59 -6.47 -6.63 4.48
C ASP C 59 -6.76 -7.76 5.47
N VAL C 60 -5.76 -8.13 6.29
CA VAL C 60 -5.93 -9.20 7.25
C VAL C 60 -4.83 -9.03 8.30
N ALA C 61 -5.06 -9.55 9.50
CA ALA C 61 -4.12 -9.34 10.59
C ALA C 61 -4.18 -10.51 11.57
N PHE C 62 -3.01 -10.91 12.07
CA PHE C 62 -2.88 -11.84 13.18
C PHE C 62 -2.68 -11.00 14.44
N LEU C 63 -3.66 -11.04 15.35
CA LEU C 63 -3.64 -10.16 16.51
C LEU C 63 -4.26 -10.89 17.70
N ARG C 64 -4.27 -10.20 18.84
CA ARG C 64 -4.79 -10.72 20.10
C ARG C 64 -6.29 -10.45 20.19
N PRO C 65 -7.12 -11.47 20.42
CA PRO C 65 -8.55 -11.24 20.59
C PRO C 65 -8.82 -10.39 21.82
N GLY C 66 -10.07 -10.01 21.98
CA GLY C 66 -10.45 -9.12 23.06
C GLY C 66 -10.03 -7.69 22.88
N PHE C 67 -9.31 -7.36 21.80
CA PHE C 67 -9.09 -5.94 21.50
C PHE C 67 -10.46 -5.30 21.33
N THR C 68 -10.75 -4.33 22.18
CA THR C 68 -12.07 -3.74 22.23
C THR C 68 -12.29 -2.94 20.95
N GLY C 69 -13.44 -3.18 20.31
CA GLY C 69 -13.66 -2.73 18.95
C GLY C 69 -13.67 -3.86 17.94
N ASN C 70 -13.67 -5.10 18.41
CA ASN C 70 -13.54 -6.27 17.57
C ASN C 70 -14.79 -6.56 16.75
N GLU C 71 -15.94 -6.02 17.18
CA GLU C 71 -17.16 -6.16 16.40
C GLU C 71 -17.05 -5.51 15.02
N ARG C 72 -16.01 -4.70 14.80
CA ARG C 72 -15.76 -4.12 13.48
C ARG C 72 -15.61 -5.23 12.44
N PHE C 73 -14.80 -6.23 12.74
CA PHE C 73 -14.36 -7.22 11.77
C PHE C 73 -14.84 -8.61 12.17
N GLN C 74 -14.59 -9.55 11.27
CA GLN C 74 -14.79 -10.96 11.55
C GLN C 74 -13.53 -11.51 12.21
N LEU C 75 -13.68 -12.10 13.40
CA LEU C 75 -12.56 -12.66 14.13
C LEU C 75 -12.63 -14.18 14.14
N ARG C 76 -11.51 -14.83 13.87
CA ARG C 76 -11.39 -16.28 13.90
C ARG C 76 -10.27 -16.62 14.88
N LEU C 77 -10.62 -17.23 16.01
CA LEU C 77 -9.62 -17.65 16.97
C LEU C 77 -8.82 -18.82 16.40
N LEU C 78 -7.51 -18.66 16.32
CA LEU C 78 -6.64 -19.64 15.69
C LEU C 78 -5.83 -20.48 16.66
N SER C 79 -5.43 -19.93 17.81
CA SER C 79 -4.56 -20.65 18.71
C SER C 79 -4.77 -20.16 20.14
N GLU C 80 -4.82 -21.11 21.07
CA GLU C 80 -4.82 -20.84 22.50
C GLU C 80 -3.58 -21.55 23.05
N GLU C 81 -2.45 -20.84 23.05
CA GLU C 81 -1.19 -21.47 23.40
C GLU C 81 -0.84 -21.21 24.86
N PRO C 82 -0.11 -22.14 25.49
CA PRO C 82 0.23 -21.96 26.91
C PRO C 82 1.27 -20.86 27.11
N MET C 83 1.33 -20.37 28.33
CA MET C 83 2.31 -19.36 28.73
C MET C 83 3.28 -19.97 29.73
N VAL C 84 4.55 -19.58 29.64
CA VAL C 84 5.60 -20.09 30.51
C VAL C 84 6.20 -18.93 31.29
N ILE C 85 6.99 -19.27 32.31
CA ILE C 85 7.64 -18.29 33.18
C ILE C 85 9.06 -18.08 32.67
N VAL C 86 9.53 -16.83 32.74
CA VAL C 86 10.87 -16.46 32.30
C VAL C 86 11.64 -15.95 33.50
N LEU C 87 12.78 -16.57 33.80
CA LEU C 87 13.60 -16.18 34.93
C LEU C 87 15.07 -16.22 34.52
N ALA C 88 15.88 -15.44 35.23
CA ALA C 88 17.31 -15.54 35.07
C ALA C 88 17.82 -16.86 35.66
N GLU C 89 18.90 -17.38 35.07
CA GLU C 89 19.47 -18.62 35.57
C GLU C 89 19.96 -18.50 37.00
N THR C 90 20.19 -17.28 37.49
CA THR C 90 20.58 -17.02 38.87
C THR C 90 19.39 -16.89 39.81
N HIS C 91 18.16 -16.97 39.29
CA HIS C 91 16.99 -16.86 40.15
C HIS C 91 16.86 -18.11 41.01
N PRO C 92 16.44 -17.97 42.27
CA PRO C 92 16.28 -19.15 43.14
C PRO C 92 15.23 -20.13 42.64
N ALA C 93 14.25 -19.66 41.87
CA ALA C 93 13.21 -20.53 41.33
C ALA C 93 13.59 -21.15 39.99
N ALA C 94 14.75 -20.79 39.44
CA ALA C 94 15.17 -21.38 38.17
C ALA C 94 15.45 -22.87 38.31
N ALA C 95 15.84 -23.31 39.51
CA ALA C 95 16.11 -24.73 39.72
C ALA C 95 14.85 -25.58 39.60
N CYS C 96 13.69 -25.00 39.90
CA CYS C 96 12.44 -25.74 39.81
C CYS C 96 12.17 -26.13 38.36
N LYS C 97 11.91 -27.42 38.13
CA LYS C 97 11.60 -27.88 36.79
C LYS C 97 10.20 -27.42 36.36
N GLN C 98 9.32 -27.19 37.33
CA GLN C 98 8.02 -26.58 37.09
C GLN C 98 7.71 -25.68 38.27
N ILE C 99 7.05 -24.55 37.98
CA ILE C 99 6.87 -23.48 38.95
C ILE C 99 5.40 -23.38 39.34
N ALA C 100 5.15 -23.40 40.64
CA ALA C 100 3.85 -23.02 41.19
C ALA C 100 3.83 -21.51 41.35
N LEU C 101 2.83 -20.86 40.76
CA LEU C 101 2.87 -19.40 40.63
C LEU C 101 2.94 -18.69 41.98
N SER C 102 2.39 -19.29 43.03
CA SER C 102 2.37 -18.63 44.33
C SER C 102 3.76 -18.35 44.86
N ILE C 103 4.76 -19.11 44.41
CA ILE C 103 6.15 -18.87 44.81
C ILE C 103 6.61 -17.48 44.38
N LEU C 104 6.02 -16.92 43.32
CA LEU C 104 6.42 -15.63 42.80
C LEU C 104 5.52 -14.49 43.26
N LYS C 105 4.85 -14.65 44.41
CA LYS C 105 3.92 -13.62 44.87
C LYS C 105 4.64 -12.33 45.23
N ASP C 106 5.87 -12.42 45.73
CA ASP C 106 6.63 -11.25 46.16
C ASP C 106 7.66 -10.82 45.13
N GLU C 107 7.68 -11.44 43.96
CA GLU C 107 8.66 -11.12 42.93
C GLU C 107 8.20 -9.92 42.11
N PHE C 108 9.16 -9.16 41.62
CA PHE C 108 8.88 -8.05 40.71
C PHE C 108 8.69 -8.59 39.30
N PHE C 109 7.60 -8.16 38.65
CA PHE C 109 7.23 -8.68 37.35
C PHE C 109 7.57 -7.65 36.27
N LEU C 110 8.42 -8.03 35.33
CA LEU C 110 8.71 -7.23 34.15
C LEU C 110 7.70 -7.59 33.07
N LEU C 111 6.73 -6.72 32.85
CA LEU C 111 5.65 -7.01 31.93
C LEU C 111 5.62 -5.97 30.80
N PHE C 112 4.52 -5.98 30.06
CA PHE C 112 4.24 -5.09 28.95
C PHE C 112 3.02 -4.25 29.28
N PRO C 113 2.91 -3.05 28.74
CA PRO C 113 1.72 -2.26 29.06
C PRO C 113 0.47 -2.98 28.59
N ARG C 114 -0.60 -2.95 29.36
CA ARG C 114 -1.83 -3.63 29.03
C ARG C 114 -2.43 -3.20 27.69
N GLU C 115 -2.30 -1.94 27.33
CA GLU C 115 -2.77 -1.45 26.07
C GLU C 115 -2.12 -2.21 24.94
N ILE C 116 -0.83 -2.48 25.00
CA ILE C 116 -0.21 -3.31 23.98
C ILE C 116 -0.65 -4.74 24.11
N GLY C 117 -0.58 -5.23 25.34
CA GLY C 117 -0.87 -6.59 25.73
C GLY C 117 -2.24 -7.22 25.65
N LEU C 118 -3.27 -6.47 26.01
CA LEU C 118 -4.65 -6.99 25.98
C LEU C 118 -4.83 -8.25 26.79
N SER C 119 -5.24 -9.31 26.11
CA SER C 119 -5.50 -10.60 26.69
C SER C 119 -4.27 -11.17 27.32
N LEU C 120 -3.10 -10.99 26.73
CA LEU C 120 -1.87 -11.50 27.30
C LEU C 120 -1.61 -10.89 28.67
N TYR C 121 -1.82 -9.61 28.82
CA TYR C 121 -1.64 -8.98 30.10
C TYR C 121 -2.62 -9.54 31.10
N ASP C 122 -3.85 -9.70 30.67
CA ASP C 122 -4.93 -10.18 31.47
C ASP C 122 -4.72 -11.58 31.90
N ALA C 123 -4.14 -12.39 31.04
CA ALA C 123 -3.88 -13.75 31.40
C ALA C 123 -2.95 -13.82 32.59
N VAL C 124 -1.88 -13.04 32.56
CA VAL C 124 -0.91 -13.02 33.65
C VAL C 124 -1.59 -12.57 34.95
N ILE C 125 -2.39 -11.51 34.88
CA ILE C 125 -3.09 -11.01 36.06
C ILE C 125 -4.01 -12.09 36.62
N LYS C 126 -4.77 -12.75 35.75
CA LYS C 126 -5.71 -13.76 36.22
C LYS C 126 -4.98 -14.99 36.73
N ALA C 127 -3.87 -15.36 36.09
CA ALA C 127 -3.07 -16.49 36.56
C ALA C 127 -2.50 -16.22 37.93
N CYS C 128 -1.92 -15.02 38.13
CA CYS C 128 -1.44 -14.64 39.45
C CYS C 128 -2.58 -14.55 40.45
N GLY C 129 -3.74 -14.06 40.01
CA GLY C 129 -4.88 -13.95 40.91
C GLY C 129 -5.33 -15.29 41.45
N LYS C 130 -5.38 -16.31 40.58
CA LYS C 130 -5.70 -17.65 41.04
C LYS C 130 -4.68 -18.14 42.05
N ALA C 131 -3.40 -17.85 41.80
CA ALA C 131 -2.36 -18.16 42.77
C ALA C 131 -2.48 -17.35 44.05
N GLY C 132 -3.27 -16.29 44.05
CA GLY C 132 -3.58 -15.54 45.25
C GLY C 132 -2.86 -14.22 45.42
N PHE C 133 -2.32 -13.63 44.35
CA PHE C 133 -1.60 -12.38 44.48
C PHE C 133 -1.78 -11.54 43.23
N GLU C 134 -1.72 -10.22 43.41
CA GLU C 134 -1.61 -9.28 42.31
C GLU C 134 -0.13 -8.99 42.04
N PRO C 135 0.34 -9.15 40.81
CA PRO C 135 1.79 -9.09 40.56
C PRO C 135 2.33 -7.69 40.76
N LYS C 136 3.43 -7.60 41.52
CA LYS C 136 4.17 -6.35 41.63
C LYS C 136 4.87 -6.06 40.31
N ILE C 137 4.46 -4.98 39.65
CA ILE C 137 5.01 -4.61 38.34
C ILE C 137 6.23 -3.73 38.59
N GLY C 138 7.41 -4.24 38.23
CA GLY C 138 8.64 -3.50 38.42
C GLY C 138 8.99 -2.61 37.25
N GLN C 139 8.92 -3.15 36.03
CA GLN C 139 9.18 -2.39 34.81
C GLN C 139 8.16 -2.78 33.76
N LEU C 140 8.01 -1.90 32.77
CA LEU C 140 7.05 -2.11 31.68
C LEU C 140 7.70 -1.68 30.38
N VAL C 141 7.84 -2.61 29.44
CA VAL C 141 8.42 -2.30 28.13
C VAL C 141 7.49 -2.81 27.03
N PRO C 142 7.50 -2.19 25.85
CA PRO C 142 6.48 -2.53 24.85
C PRO C 142 6.68 -3.89 24.19
N GLN C 143 7.91 -4.41 24.13
CA GLN C 143 8.20 -5.63 23.39
C GLN C 143 8.55 -6.75 24.36
N ILE C 144 7.99 -7.94 24.09
CA ILE C 144 8.27 -9.12 24.92
C ILE C 144 9.73 -9.52 24.80
N SER C 145 10.33 -9.30 23.63
CA SER C 145 11.77 -9.56 23.48
C SER C 145 12.58 -8.71 24.45
N SER C 146 12.17 -7.46 24.64
CA SER C 146 12.83 -6.61 25.63
C SER C 146 12.56 -7.09 27.05
N VAL C 147 11.42 -7.74 27.28
CA VAL C 147 11.15 -8.33 28.59
C VAL C 147 12.14 -9.44 28.89
N ILE C 148 12.35 -10.34 27.92
CA ILE C 148 13.29 -11.44 28.10
C ILE C 148 14.69 -10.91 28.40
N ASN C 149 15.10 -9.88 27.67
CA ASN C 149 16.44 -9.32 27.86
C ASN C 149 16.57 -8.65 29.22
N LEU C 150 15.48 -8.09 29.76
CA LEU C 150 15.54 -7.45 31.06
C LEU C 150 15.54 -8.46 32.20
N VAL C 151 14.90 -9.62 31.99
CA VAL C 151 14.99 -10.71 32.97
C VAL C 151 16.44 -11.18 33.08
N SER C 152 17.17 -11.19 31.96
CA SER C 152 18.60 -11.51 31.99
C SER C 152 19.34 -10.53 32.88
N ALA C 153 18.92 -9.26 32.91
CA ALA C 153 19.50 -8.27 33.79
C ALA C 153 19.06 -8.44 35.24
N GLU C 154 18.35 -9.53 35.56
CA GLU C 154 17.91 -9.83 36.93
C GLU C 154 16.98 -8.77 37.49
N MET C 155 16.25 -8.08 36.62
CA MET C 155 15.30 -7.07 37.08
C MET C 155 13.98 -7.66 37.54
N GLY C 156 13.74 -8.94 37.28
CA GLY C 156 12.51 -9.58 37.71
C GLY C 156 12.21 -10.80 36.85
N VAL C 157 10.95 -11.22 36.91
CA VAL C 157 10.47 -12.36 36.14
C VAL C 157 9.34 -11.92 35.23
N SER C 158 8.77 -12.85 34.47
CA SER C 158 7.69 -12.52 33.55
C SER C 158 6.99 -13.79 33.09
N MET C 159 5.91 -13.60 32.35
CA MET C 159 5.13 -14.68 31.75
C MET C 159 4.95 -14.37 30.28
N VAL C 160 5.49 -15.22 29.41
CA VAL C 160 5.46 -14.99 27.98
C VAL C 160 4.81 -16.20 27.32
N PRO C 161 4.31 -16.06 26.10
CA PRO C 161 3.78 -17.22 25.38
C PRO C 161 4.87 -18.27 25.17
N ASP C 162 4.44 -19.53 25.12
CA ASP C 162 5.38 -20.63 24.94
C ASP C 162 6.18 -20.48 23.65
N SER C 163 5.63 -19.79 22.65
CA SER C 163 6.34 -19.59 21.40
C SER C 163 7.59 -18.73 21.59
N MET C 164 7.62 -17.90 22.63
CA MET C 164 8.74 -16.99 22.84
C MET C 164 10.01 -17.70 23.32
N ARG C 165 9.93 -19.00 23.62
CA ARG C 165 11.14 -19.73 24.02
C ARG C 165 12.18 -19.77 22.91
N GLN C 166 11.78 -19.46 21.67
CA GLN C 166 12.74 -19.37 20.58
C GLN C 166 13.76 -18.27 20.83
N VAL C 167 13.38 -17.25 21.60
CA VAL C 167 14.32 -16.21 22.00
C VAL C 167 15.11 -17.11 22.94
N ASN C 168 16.43 -17.13 22.78
CA ASN C 168 17.31 -18.02 23.55
C ASN C 168 18.37 -17.02 23.98
N VAL C 169 17.98 -16.13 24.88
CA VAL C 169 18.90 -15.12 25.41
C VAL C 169 19.75 -15.75 26.50
N LYS C 170 21.02 -15.39 26.54
CA LYS C 170 21.93 -15.93 27.54
C LYS C 170 21.49 -15.54 28.95
N GLY C 171 21.60 -16.49 29.88
CA GLY C 171 21.27 -16.24 31.26
C GLY C 171 19.79 -16.26 31.58
N VAL C 172 18.97 -16.85 30.71
CA VAL C 172 17.52 -16.87 30.84
C VAL C 172 17.05 -18.31 30.77
N VAL C 173 16.11 -18.68 31.65
CA VAL C 173 15.50 -20.00 31.66
C VAL C 173 14.00 -19.85 31.50
N TYR C 174 13.39 -20.84 30.83
CA TYR C 174 11.94 -20.92 30.69
C TYR C 174 11.44 -22.13 31.46
N ARG C 175 10.36 -21.94 32.23
CA ARG C 175 9.80 -22.99 33.05
C ARG C 175 8.28 -23.00 32.92
N PRO C 176 7.68 -24.19 32.81
CA PRO C 176 6.22 -24.25 32.70
C PRO C 176 5.53 -24.04 34.04
N VAL C 177 4.31 -23.52 33.96
CA VAL C 177 3.49 -23.34 35.16
C VAL C 177 2.89 -24.68 35.54
N ALA C 178 3.09 -25.08 36.79
CA ALA C 178 2.71 -26.42 37.21
C ALA C 178 1.24 -26.51 37.59
N ASP C 179 0.71 -25.51 38.29
CA ASP C 179 -0.62 -25.59 38.86
C ASP C 179 -1.67 -24.76 38.12
N GLN C 180 -1.29 -24.08 37.04
CA GLN C 180 -2.25 -23.31 36.25
C GLN C 180 -1.99 -23.53 34.78
N MET C 181 -2.90 -23.01 33.96
CA MET C 181 -2.74 -23.00 32.50
C MET C 181 -3.09 -21.60 32.00
N PRO C 182 -2.16 -20.65 32.14
CA PRO C 182 -2.35 -19.35 31.48
C PRO C 182 -2.28 -19.52 29.97
N VAL C 183 -3.11 -18.75 29.26
CA VAL C 183 -3.33 -18.96 27.84
C VAL C 183 -3.02 -17.68 27.09
N ALA C 184 -2.23 -17.79 26.03
CA ALA C 184 -2.04 -16.74 25.05
C ALA C 184 -2.90 -17.03 23.83
N LYS C 185 -3.74 -16.07 23.45
CA LYS C 185 -4.71 -16.26 22.39
C LYS C 185 -4.31 -15.47 21.15
N LEU C 186 -4.49 -16.09 19.99
CA LEU C 186 -4.20 -15.47 18.70
C LEU C 186 -5.41 -15.63 17.78
N ALA C 187 -5.75 -14.55 17.07
CA ALA C 187 -6.94 -14.54 16.23
C ALA C 187 -6.64 -13.85 14.91
N LEU C 188 -7.35 -14.28 13.87
CA LEU C 188 -7.31 -13.63 12.57
C LEU C 188 -8.42 -12.60 12.46
N ALA C 189 -8.13 -11.48 11.80
CA ALA C 189 -9.07 -10.38 11.67
C ALA C 189 -9.10 -9.90 10.23
N TYR C 190 -10.31 -9.66 9.73
CA TYR C 190 -10.49 -9.11 8.39
C TYR C 190 -11.86 -8.43 8.32
N ARG C 191 -11.95 -7.41 7.48
CA ARG C 191 -13.18 -6.61 7.40
C ARG C 191 -14.37 -7.46 6.97
N ARG C 192 -15.50 -7.24 7.62
CA ARG C 192 -16.74 -7.92 7.25
C ARG C 192 -17.23 -7.39 5.91
N GLY C 193 -17.55 -8.30 4.99
CA GLY C 193 -18.00 -7.93 3.67
C GLY C 193 -16.90 -7.77 2.64
N ASP C 194 -15.65 -8.03 3.01
CA ASP C 194 -14.52 -7.94 2.08
C ASP C 194 -14.57 -9.17 1.18
N THR C 195 -15.09 -8.99 -0.03
CA THR C 195 -15.28 -10.09 -0.97
C THR C 195 -14.06 -10.35 -1.85
N SER C 196 -12.90 -9.84 -1.46
CA SER C 196 -11.69 -10.03 -2.26
C SER C 196 -11.33 -11.50 -2.34
N PRO C 197 -11.22 -12.09 -3.53
CA PRO C 197 -10.81 -13.50 -3.63
C PRO C 197 -9.44 -13.77 -3.06
N THR C 198 -8.51 -12.81 -3.22
CA THR C 198 -7.17 -12.99 -2.65
C THR C 198 -7.22 -13.09 -1.13
N LEU C 199 -8.04 -12.26 -0.49
CA LEU C 199 -8.22 -12.35 0.95
C LEU C 199 -8.78 -13.71 1.35
N ARG C 200 -9.83 -14.16 0.64
CA ARG C 200 -10.40 -15.48 0.91
C ARG C 200 -9.36 -16.58 0.71
N ASN C 201 -8.50 -16.42 -0.31
CA ASN C 201 -7.45 -17.41 -0.53
C ASN C 201 -6.48 -17.46 0.64
N PHE C 202 -6.13 -16.29 1.19
CA PHE C 202 -5.21 -16.26 2.34
C PHE C 202 -5.86 -16.86 3.57
N ILE C 203 -7.14 -16.55 3.81
CA ILE C 203 -7.83 -17.08 4.98
C ILE C 203 -7.91 -18.60 4.92
N LEU C 204 -8.09 -19.15 3.72
CA LEU C 204 -8.16 -20.59 3.56
C LEU C 204 -6.83 -21.27 3.88
N LYS C 205 -5.72 -20.56 3.69
CA LYS C 205 -4.41 -21.09 4.07
C LYS C 205 -4.17 -21.01 5.57
N VAL C 206 -4.92 -20.16 6.29
CA VAL C 206 -4.83 -20.12 7.73
C VAL C 206 -5.75 -21.15 8.38
N THR C 207 -6.91 -21.42 7.76
CA THR C 207 -7.90 -22.32 8.31
C THR C 207 -7.77 -23.75 7.76
N GLY C 208 -7.60 -23.89 6.46
CA GLY C 208 -7.55 -25.20 5.84
C GLY C 208 -8.91 -25.71 5.41
N GLY D 4 9.75 15.04 5.97
CA GLY D 4 8.88 13.99 5.45
C GLY D 4 9.50 13.22 4.29
N GLU D 5 10.76 12.82 4.46
CA GLU D 5 11.46 12.06 3.43
C GLU D 5 11.13 10.57 3.47
N SER D 6 10.50 10.09 4.55
CA SER D 6 10.10 8.71 4.68
C SER D 6 8.58 8.64 4.84
N GLY D 7 8.06 7.42 4.81
CA GLY D 7 6.64 7.20 5.00
C GLY D 7 5.92 6.92 3.69
N VAL D 8 4.60 6.88 3.79
CA VAL D 8 3.73 6.55 2.67
C VAL D 8 2.72 7.68 2.50
N LEU D 9 2.34 7.93 1.24
CA LEU D 9 1.33 8.92 0.90
C LEU D 9 0.38 8.33 -0.12
N ARG D 10 -0.92 8.53 0.10
CA ARG D 10 -1.97 7.99 -0.77
C ARG D 10 -2.72 9.17 -1.38
N VAL D 11 -2.60 9.33 -2.70
CA VAL D 11 -3.17 10.46 -3.42
C VAL D 11 -4.31 9.94 -4.30
N GLY D 12 -5.48 10.60 -4.20
CA GLY D 12 -6.64 10.25 -4.99
C GLY D 12 -6.95 11.31 -6.02
N PHE D 13 -7.61 10.90 -7.11
CA PHE D 13 -7.95 11.81 -8.18
C PHE D 13 -9.03 11.18 -9.05
N THR D 14 -9.76 12.01 -9.76
CA THR D 14 -10.76 11.53 -10.69
C THR D 14 -10.17 11.45 -12.10
N ALA D 15 -10.89 10.75 -12.98
CA ALA D 15 -10.41 10.56 -14.34
C ALA D 15 -10.24 11.89 -15.07
N SER D 16 -11.23 12.78 -14.93
CA SER D 16 -11.15 14.07 -15.61
C SER D 16 -10.12 14.99 -14.97
N ALA D 17 -10.00 14.94 -13.64
CA ALA D 17 -9.04 15.79 -12.94
C ALA D 17 -7.60 15.44 -13.33
N ALA D 18 -7.35 14.19 -13.71
CA ALA D 18 -6.02 13.79 -14.13
C ALA D 18 -5.57 14.55 -15.37
N PHE D 19 -6.51 15.10 -16.15
CA PHE D 19 -6.15 15.90 -17.31
C PHE D 19 -5.86 17.36 -16.96
N ASN D 20 -6.14 17.78 -15.72
CA ASN D 20 -5.79 19.12 -15.28
C ASN D 20 -4.31 19.14 -14.87
N SER D 21 -3.59 20.17 -15.33
CA SER D 21 -2.14 20.21 -15.15
C SER D 21 -1.73 20.19 -13.69
N VAL D 22 -2.63 20.55 -12.76
CA VAL D 22 -2.27 20.61 -11.35
C VAL D 22 -1.95 19.23 -10.79
N VAL D 23 -2.60 18.19 -11.30
CA VAL D 23 -2.48 16.86 -10.71
C VAL D 23 -1.21 16.16 -11.19
N PRO D 24 -0.96 15.99 -12.50
CA PRO D 24 0.33 15.40 -12.90
C PRO D 24 1.53 16.25 -12.50
N GLY D 25 1.35 17.56 -12.39
CA GLY D 25 2.47 18.42 -12.01
C GLY D 25 2.86 18.27 -10.55
N ALA D 26 1.87 18.10 -9.68
CA ALA D 26 2.17 17.95 -8.25
C ALA D 26 2.73 16.56 -7.95
N ILE D 27 2.17 15.53 -8.58
CA ILE D 27 2.70 14.18 -8.42
C ILE D 27 4.12 14.10 -8.97
N ARG D 28 4.38 14.78 -10.09
CA ARG D 28 5.71 14.79 -10.67
C ARG D 28 6.71 15.44 -9.73
N THR D 29 6.36 16.62 -9.20
CA THR D 29 7.30 17.36 -8.36
C THR D 29 7.51 16.66 -7.03
N PHE D 30 6.45 16.08 -6.46
CA PHE D 30 6.59 15.35 -5.21
C PHE D 30 7.49 14.13 -5.38
N LYS D 31 7.37 13.42 -6.51
CA LYS D 31 8.18 12.24 -6.75
C LYS D 31 9.66 12.60 -6.82
N ARG D 32 9.98 13.75 -7.40
CA ARG D 32 11.37 14.16 -7.50
C ARG D 32 11.92 14.59 -6.14
N ALA D 33 11.10 15.26 -5.33
CA ALA D 33 11.59 15.79 -4.06
C ALA D 33 11.72 14.70 -3.00
N TYR D 34 10.86 13.68 -3.02
CA TYR D 34 10.86 12.63 -2.01
C TYR D 34 10.75 11.27 -2.70
N PRO D 35 11.86 10.79 -3.28
CA PRO D 35 11.81 9.47 -3.94
C PRO D 35 11.57 8.32 -2.98
N ASP D 36 12.06 8.43 -1.74
CA ASP D 36 11.89 7.34 -0.78
C ASP D 36 10.45 7.22 -0.29
N VAL D 37 9.63 8.24 -0.46
CA VAL D 37 8.25 8.20 -0.01
C VAL D 37 7.43 7.35 -0.97
N ARG D 38 6.78 6.32 -0.43
CA ARG D 38 5.94 5.45 -1.24
C ARG D 38 4.66 6.19 -1.63
N LEU D 39 4.46 6.37 -2.94
CA LEU D 39 3.28 7.05 -3.46
C LEU D 39 2.29 6.02 -3.98
N GLN D 40 1.06 6.07 -3.48
CA GLN D 40 -0.02 5.21 -3.91
C GLN D 40 -1.10 6.06 -4.55
N LEU D 41 -1.29 5.90 -5.86
CA LEU D 41 -2.31 6.66 -6.58
C LEU D 41 -3.59 5.86 -6.68
N GLU D 42 -4.72 6.52 -6.43
CA GLU D 42 -6.03 5.89 -6.48
C GLU D 42 -6.95 6.72 -7.35
N GLU D 43 -7.64 6.06 -8.26
CA GLU D 43 -8.61 6.72 -9.13
C GLU D 43 -10.03 6.41 -8.67
N GLY D 44 -10.94 7.30 -9.03
CA GLY D 44 -12.33 7.17 -8.65
C GLY D 44 -13.00 8.52 -8.63
N ASN D 45 -14.33 8.50 -8.74
CA ASN D 45 -15.07 9.75 -8.73
C ASN D 45 -15.04 10.36 -7.33
N THR D 46 -15.57 11.59 -7.26
CA THR D 46 -15.38 12.41 -6.06
C THR D 46 -15.94 11.75 -4.81
N THR D 47 -17.17 11.22 -4.90
CA THR D 47 -17.79 10.62 -3.72
C THR D 47 -17.00 9.42 -3.20
N GLN D 48 -16.40 8.64 -4.10
CA GLN D 48 -15.55 7.53 -3.67
C GLN D 48 -14.32 8.03 -2.93
N LEU D 49 -13.64 9.03 -3.50
CA LEU D 49 -12.43 9.55 -2.87
C LEU D 49 -12.74 10.20 -1.52
N ALA D 50 -13.85 10.93 -1.43
CA ALA D 50 -14.22 11.58 -0.18
C ALA D 50 -14.54 10.54 0.89
N ASP D 51 -15.18 9.44 0.50
CA ASP D 51 -15.47 8.38 1.47
C ASP D 51 -14.19 7.67 1.91
N GLU D 52 -13.21 7.56 1.02
CA GLU D 52 -11.93 6.96 1.40
C GLU D 52 -11.15 7.89 2.33
N LEU D 53 -11.19 9.21 2.10
CA LEU D 53 -10.56 10.14 3.02
C LEU D 53 -11.17 10.04 4.42
N ASN D 54 -12.49 9.86 4.48
CA ASN D 54 -13.16 9.85 5.77
C ASN D 54 -12.84 8.59 6.56
N GLU D 55 -12.69 7.46 5.87
CA GLU D 55 -12.41 6.21 6.57
C GLU D 55 -10.92 6.05 6.87
N GLY D 56 -10.04 6.64 6.05
CA GLY D 56 -8.62 6.56 6.29
C GLY D 56 -7.87 5.78 5.22
N SER D 57 -8.55 5.41 4.14
CA SER D 57 -7.89 4.69 3.05
C SER D 57 -7.07 5.61 2.14
N LEU D 58 -7.25 6.92 2.26
CA LEU D 58 -6.54 7.91 1.45
C LEU D 58 -6.17 9.10 2.33
N ASP D 59 -5.14 9.83 1.91
CA ASP D 59 -4.65 10.97 2.67
C ASP D 59 -4.98 12.31 2.03
N VAL D 60 -5.12 12.36 0.71
CA VAL D 60 -5.44 13.60 0.01
C VAL D 60 -6.02 13.22 -1.33
N ALA D 61 -6.90 14.07 -1.86
CA ALA D 61 -7.60 13.76 -3.10
C ALA D 61 -7.82 15.02 -3.92
N PHE D 62 -7.71 14.88 -5.23
CA PHE D 62 -8.11 15.91 -6.19
C PHE D 62 -9.52 15.54 -6.66
N LEU D 63 -10.52 16.26 -6.18
CA LEU D 63 -11.90 15.97 -6.49
C LEU D 63 -12.64 17.24 -6.85
N ARG D 64 -13.89 17.08 -7.27
CA ARG D 64 -14.79 18.17 -7.64
C ARG D 64 -15.62 18.60 -6.43
N PRO D 65 -15.80 19.89 -6.24
CA PRO D 65 -16.64 20.32 -5.12
C PRO D 65 -18.11 19.96 -5.30
N GLY D 66 -18.83 20.02 -4.21
CA GLY D 66 -20.21 19.64 -4.22
C GLY D 66 -20.52 18.27 -3.66
N PHE D 67 -19.55 17.60 -3.07
CA PHE D 67 -19.81 16.34 -2.43
C PHE D 67 -20.41 16.63 -1.04
N THR D 68 -21.03 15.64 -0.47
CA THR D 68 -21.63 15.76 0.81
C THR D 68 -20.64 15.81 1.94
N GLY D 69 -20.82 16.74 2.85
CA GLY D 69 -19.99 16.79 4.01
C GLY D 69 -18.98 17.87 4.09
N ASN D 70 -17.82 17.67 3.50
CA ASN D 70 -16.70 18.62 3.58
C ASN D 70 -16.54 18.99 5.06
N GLU D 71 -16.98 18.10 5.95
CA GLU D 71 -16.90 18.34 7.36
C GLU D 71 -15.94 17.30 7.85
N ARG D 72 -14.98 17.78 8.64
CA ARG D 72 -13.82 17.09 9.22
C ARG D 72 -12.69 16.97 8.21
N PHE D 73 -12.84 17.70 7.09
CA PHE D 73 -11.96 17.77 5.95
C PHE D 73 -11.52 19.18 5.74
N GLN D 74 -10.37 19.35 5.16
CA GLN D 74 -9.90 20.66 4.85
C GLN D 74 -9.97 20.72 3.35
N LEU D 75 -10.60 21.75 2.83
CA LEU D 75 -10.75 21.89 1.40
C LEU D 75 -10.04 23.10 0.84
N ARG D 76 -9.31 22.91 -0.23
CA ARG D 76 -8.65 24.01 -0.83
C ARG D 76 -9.00 24.12 -2.29
N LEU D 77 -9.65 25.18 -2.72
CA LEU D 77 -9.96 25.27 -4.12
C LEU D 77 -8.70 25.50 -4.92
N LEU D 78 -8.52 24.77 -5.98
CA LEU D 78 -7.31 24.88 -6.75
C LEU D 78 -7.43 25.48 -8.14
N SER D 79 -8.41 25.04 -8.88
CA SER D 79 -8.55 25.56 -10.21
C SER D 79 -9.99 25.77 -10.64
N GLU D 80 -10.24 26.88 -11.27
CA GLU D 80 -11.55 27.06 -11.82
C GLU D 80 -11.20 27.08 -13.28
N GLU D 81 -11.75 26.17 -14.05
CA GLU D 81 -11.41 26.12 -15.44
C GLU D 81 -12.61 26.25 -16.31
N PRO D 82 -12.47 26.87 -17.45
CA PRO D 82 -13.55 27.08 -18.38
C PRO D 82 -14.03 25.81 -19.01
N MET D 83 -15.29 25.78 -19.39
CA MET D 83 -15.87 24.61 -20.01
C MET D 83 -16.13 24.89 -21.46
N VAL D 84 -15.99 23.87 -22.27
CA VAL D 84 -16.18 23.99 -23.69
C VAL D 84 -17.16 23.02 -24.20
N ILE D 85 -17.62 23.27 -25.41
CA ILE D 85 -18.56 22.43 -26.09
C ILE D 85 -17.82 21.36 -26.89
N VAL D 86 -18.33 20.14 -26.82
CA VAL D 86 -17.82 19.07 -27.62
C VAL D 86 -18.86 18.79 -28.69
N LEU D 87 -18.43 18.82 -29.92
CA LEU D 87 -19.25 18.61 -31.07
C LEU D 87 -18.60 17.71 -32.06
N ALA D 88 -19.43 17.06 -32.83
CA ALA D 88 -18.98 16.26 -33.90
C ALA D 88 -18.70 17.19 -35.05
N GLU D 89 -17.77 16.80 -35.90
CA GLU D 89 -17.40 17.59 -37.06
C GLU D 89 -18.59 17.77 -37.98
N THR D 90 -19.37 16.72 -38.17
CA THR D 90 -20.55 16.73 -38.95
C THR D 90 -21.69 17.55 -38.37
N HIS D 91 -21.69 17.84 -37.08
CA HIS D 91 -22.72 18.64 -36.49
C HIS D 91 -22.66 20.06 -37.09
N PRO D 92 -23.82 20.63 -37.35
CA PRO D 92 -24.02 21.95 -37.94
C PRO D 92 -23.38 23.10 -37.17
N ALA D 93 -23.38 23.04 -35.85
CA ALA D 93 -22.77 24.03 -35.01
C ALA D 93 -21.23 24.02 -34.96
N ALA D 94 -20.59 23.00 -35.53
CA ALA D 94 -19.15 22.86 -35.60
C ALA D 94 -18.44 23.96 -36.40
N ALA D 95 -19.14 24.54 -37.35
CA ALA D 95 -18.71 25.65 -38.13
C ALA D 95 -18.48 26.93 -37.31
N CYS D 96 -19.19 27.10 -36.22
CA CYS D 96 -19.01 28.22 -35.37
C CYS D 96 -17.65 28.18 -34.71
N LYS D 97 -16.98 29.32 -34.69
CA LYS D 97 -15.72 29.49 -34.02
C LYS D 97 -15.91 29.49 -32.51
N GLN D 98 -16.99 30.11 -32.11
CA GLN D 98 -17.41 30.19 -30.72
C GLN D 98 -18.90 29.90 -30.71
N ILE D 99 -19.42 29.30 -29.65
CA ILE D 99 -20.81 28.94 -29.67
C ILE D 99 -21.67 29.63 -28.66
N ALA D 100 -22.72 30.27 -29.10
CA ALA D 100 -23.65 30.87 -28.18
C ALA D 100 -24.47 29.70 -27.71
N LEU D 101 -24.58 29.52 -26.41
CA LEU D 101 -25.20 28.34 -25.83
C LEU D 101 -26.64 28.03 -26.22
N SER D 102 -27.41 29.06 -26.53
CA SER D 102 -28.79 28.97 -26.93
C SER D 102 -29.05 28.15 -28.21
N ILE D 103 -28.09 28.07 -29.11
CA ILE D 103 -28.21 27.26 -30.32
C ILE D 103 -28.28 25.71 -30.12
N LEU D 104 -27.89 25.24 -28.97
CA LEU D 104 -27.92 23.87 -28.62
C LEU D 104 -29.13 23.50 -27.81
N LYS D 105 -30.11 24.37 -27.70
CA LYS D 105 -31.29 24.10 -26.89
C LYS D 105 -32.06 22.84 -27.25
N ASP D 106 -32.15 22.53 -28.52
CA ASP D 106 -32.82 21.35 -28.97
C ASP D 106 -31.88 20.19 -29.26
N GLU D 107 -30.60 20.32 -28.94
CA GLU D 107 -29.67 19.23 -29.10
C GLU D 107 -29.63 18.22 -27.96
N PHE D 108 -29.42 16.97 -28.28
CA PHE D 108 -29.26 15.95 -27.25
C PHE D 108 -27.91 16.13 -26.64
N PHE D 109 -27.84 15.97 -25.33
CA PHE D 109 -26.62 16.11 -24.62
C PHE D 109 -26.11 14.80 -24.04
N LEU D 110 -24.82 14.60 -24.09
CA LEU D 110 -24.21 13.45 -23.53
C LEU D 110 -23.61 13.93 -22.25
N LEU D 111 -23.90 13.26 -21.17
CA LEU D 111 -23.43 13.68 -19.90
C LEU D 111 -23.29 12.58 -18.92
N PHE D 112 -22.71 12.93 -17.80
CA PHE D 112 -22.53 12.03 -16.69
C PHE D 112 -23.62 12.29 -15.68
N PRO D 113 -23.92 11.30 -14.89
CA PRO D 113 -24.93 11.43 -13.84
C PRO D 113 -24.47 12.40 -12.79
N ARG D 114 -25.38 13.08 -12.12
CA ARG D 114 -25.01 14.07 -11.10
C ARG D 114 -24.21 13.53 -9.92
N GLU D 115 -24.42 12.26 -9.65
CA GLU D 115 -23.72 11.57 -8.60
C GLU D 115 -22.24 11.58 -8.87
N ILE D 116 -21.83 11.24 -10.07
CA ILE D 116 -20.43 11.30 -10.40
C ILE D 116 -19.92 12.73 -10.53
N GLY D 117 -20.67 13.52 -11.27
CA GLY D 117 -20.38 14.90 -11.55
C GLY D 117 -20.46 16.01 -10.54
N LEU D 118 -21.51 16.04 -9.72
CA LEU D 118 -21.68 17.07 -8.72
C LEU D 118 -21.66 18.46 -9.33
N SER D 119 -20.74 19.30 -8.91
CA SER D 119 -20.65 20.65 -9.42
C SER D 119 -20.46 20.73 -10.92
N LEU D 120 -19.73 19.81 -11.52
CA LEU D 120 -19.57 19.84 -12.94
C LEU D 120 -20.90 19.69 -13.63
N TYR D 121 -21.74 18.75 -13.18
CA TYR D 121 -23.05 18.53 -13.74
C TYR D 121 -23.97 19.72 -13.53
N ASP D 122 -23.90 20.29 -12.34
CA ASP D 122 -24.68 21.46 -11.98
C ASP D 122 -24.30 22.63 -12.82
N ALA D 123 -23.02 22.77 -13.10
CA ALA D 123 -22.55 23.82 -13.94
C ALA D 123 -23.13 23.73 -15.31
N VAL D 124 -23.31 22.53 -15.82
CA VAL D 124 -23.90 22.35 -17.14
C VAL D 124 -25.38 22.75 -17.12
N ILE D 125 -26.13 22.24 -16.14
CA ILE D 125 -27.53 22.60 -16.00
C ILE D 125 -27.67 24.12 -15.82
N LYS D 126 -26.83 24.70 -14.96
CA LYS D 126 -26.88 26.14 -14.73
C LYS D 126 -26.59 26.92 -16.01
N ALA D 127 -25.55 26.50 -16.75
CA ALA D 127 -25.19 27.21 -17.98
C ALA D 127 -26.32 27.18 -18.99
N CYS D 128 -26.93 26.01 -19.18
CA CYS D 128 -28.04 25.90 -20.12
C CYS D 128 -29.24 26.71 -19.65
N GLY D 129 -29.51 26.70 -18.34
CA GLY D 129 -30.62 27.48 -17.81
C GLY D 129 -30.44 28.97 -18.06
N LYS D 130 -29.21 29.46 -17.98
CA LYS D 130 -28.94 30.84 -18.35
C LYS D 130 -29.12 31.05 -19.84
N ALA D 131 -28.82 30.04 -20.65
CA ALA D 131 -29.12 30.09 -22.08
C ALA D 131 -30.61 29.93 -22.37
N GLY D 132 -31.42 29.69 -21.35
CA GLY D 132 -32.87 29.66 -21.51
C GLY D 132 -33.46 28.29 -21.81
N PHE D 133 -32.79 27.21 -21.43
CA PHE D 133 -33.31 25.88 -21.72
C PHE D 133 -32.76 24.87 -20.72
N GLU D 134 -33.48 23.76 -20.59
CA GLU D 134 -33.03 22.58 -19.85
C GLU D 134 -32.47 21.56 -20.83
N PRO D 135 -31.27 21.05 -20.59
CA PRO D 135 -30.63 20.19 -21.60
C PRO D 135 -31.36 18.87 -21.79
N LYS D 136 -31.26 18.35 -23.00
CA LYS D 136 -31.85 17.05 -23.36
C LYS D 136 -30.70 16.04 -23.37
N ILE D 137 -30.44 15.45 -22.21
CA ILE D 137 -29.27 14.60 -22.00
C ILE D 137 -29.52 13.36 -22.83
N GLY D 138 -28.81 13.23 -23.95
CA GLY D 138 -28.99 12.13 -24.88
C GLY D 138 -28.68 10.79 -24.22
N GLN D 139 -27.51 10.68 -23.58
CA GLN D 139 -27.13 9.48 -22.87
C GLN D 139 -26.43 9.87 -21.57
N LEU D 140 -26.28 8.88 -20.69
CA LEU D 140 -25.60 9.06 -19.41
C LEU D 140 -24.46 8.05 -19.34
N VAL D 141 -23.23 8.54 -19.31
CA VAL D 141 -22.05 7.68 -19.33
C VAL D 141 -21.16 8.13 -18.17
N PRO D 142 -20.38 7.23 -17.55
CA PRO D 142 -19.63 7.64 -16.34
C PRO D 142 -18.35 8.42 -16.62
N GLN D 143 -17.70 8.17 -17.74
CA GLN D 143 -16.43 8.82 -18.06
C GLN D 143 -16.61 9.89 -19.14
N ILE D 144 -16.00 11.05 -18.91
CA ILE D 144 -16.01 12.11 -19.92
C ILE D 144 -15.28 11.65 -21.17
N SER D 145 -14.26 10.80 -21.02
CA SER D 145 -13.60 10.22 -22.18
C SER D 145 -14.57 9.39 -23.02
N SER D 146 -15.55 8.76 -22.38
CA SER D 146 -16.59 8.06 -23.12
C SER D 146 -17.61 9.02 -23.70
N VAL D 147 -17.83 10.17 -23.04
CA VAL D 147 -18.68 11.21 -23.62
C VAL D 147 -18.15 11.65 -24.97
N ILE D 148 -16.87 12.00 -25.02
CA ILE D 148 -16.26 12.50 -26.26
C ILE D 148 -16.28 11.42 -27.34
N ASN D 149 -16.13 10.16 -26.95
CA ASN D 149 -16.19 9.06 -27.92
C ASN D 149 -17.59 8.91 -28.49
N LEU D 150 -18.62 9.06 -27.65
CA LEU D 150 -19.99 8.96 -28.14
C LEU D 150 -20.38 10.18 -28.96
N VAL D 151 -19.74 11.33 -28.72
CA VAL D 151 -19.94 12.49 -29.59
C VAL D 151 -19.46 12.17 -31.00
N SER D 152 -18.36 11.42 -31.10
CA SER D 152 -17.88 10.97 -32.41
C SER D 152 -18.87 10.05 -33.10
N ALA D 153 -19.72 9.37 -32.34
CA ALA D 153 -20.79 8.54 -32.90
C ALA D 153 -22.03 9.35 -33.28
N GLU D 154 -21.94 10.69 -33.20
CA GLU D 154 -23.06 11.59 -33.52
C GLU D 154 -24.26 11.34 -32.63
N MET D 155 -24.02 10.85 -31.41
CA MET D 155 -25.10 10.64 -30.45
C MET D 155 -25.54 11.93 -29.77
N GLY D 156 -24.80 13.01 -29.91
CA GLY D 156 -25.19 14.27 -29.31
C GLY D 156 -23.99 15.17 -29.08
N VAL D 157 -24.19 16.17 -28.23
CA VAL D 157 -23.18 17.16 -27.91
C VAL D 157 -22.90 17.07 -26.40
N SER D 158 -21.92 17.85 -25.95
CA SER D 158 -21.56 17.81 -24.54
C SER D 158 -20.78 19.06 -24.16
N MET D 159 -20.60 19.24 -22.86
CA MET D 159 -19.86 20.34 -22.28
C MET D 159 -18.88 19.79 -21.27
N VAL D 160 -17.58 19.94 -21.55
CA VAL D 160 -16.55 19.30 -20.74
C VAL D 160 -15.55 20.38 -20.31
N PRO D 161 -14.73 20.09 -19.29
CA PRO D 161 -13.68 21.04 -18.90
C PRO D 161 -12.69 21.28 -20.04
N ASP D 162 -12.08 22.47 -20.03
CA ASP D 162 -11.14 22.85 -21.07
C ASP D 162 -9.96 21.89 -21.15
N SER D 163 -9.59 21.26 -20.03
CA SER D 163 -8.49 20.32 -20.03
C SER D 163 -8.80 19.06 -20.84
N MET D 164 -10.07 18.79 -21.11
CA MET D 164 -10.44 17.59 -21.88
C MET D 164 -10.22 17.74 -23.37
N ARG D 165 -9.75 18.90 -23.84
CA ARG D 165 -9.38 19.03 -25.25
C ARG D 165 -8.26 18.08 -25.62
N GLN D 166 -7.44 17.68 -24.65
CA GLN D 166 -6.33 16.78 -24.92
C GLN D 166 -6.82 15.45 -25.51
N VAL D 167 -8.03 15.06 -25.19
CA VAL D 167 -8.64 13.90 -25.80
C VAL D 167 -8.53 14.68 -27.12
N ASN D 168 -8.09 14.00 -28.16
CA ASN D 168 -8.27 14.38 -29.52
C ASN D 168 -8.89 13.33 -30.40
N VAL D 169 -10.09 12.93 -30.05
CA VAL D 169 -10.80 11.88 -30.78
C VAL D 169 -11.13 12.39 -32.17
N LYS D 170 -10.78 11.59 -33.18
CA LYS D 170 -11.10 11.95 -34.56
C LYS D 170 -12.61 11.99 -34.76
N GLY D 171 -13.07 12.96 -35.54
CA GLY D 171 -14.49 13.19 -35.73
C GLY D 171 -15.13 14.08 -34.70
N VAL D 172 -14.33 14.73 -33.85
CA VAL D 172 -14.81 15.59 -32.77
C VAL D 172 -14.05 16.90 -32.82
N VAL D 173 -14.75 18.01 -32.55
CA VAL D 173 -14.13 19.32 -32.42
C VAL D 173 -14.57 19.94 -31.11
N TYR D 174 -13.73 20.84 -30.59
CA TYR D 174 -14.02 21.57 -29.36
C TYR D 174 -14.21 23.05 -29.68
N ARG D 175 -15.18 23.67 -29.02
CA ARG D 175 -15.50 25.07 -29.27
C ARG D 175 -15.77 25.80 -27.96
N PRO D 176 -15.20 26.98 -27.76
CA PRO D 176 -15.47 27.72 -26.52
C PRO D 176 -16.86 28.33 -26.54
N VAL D 177 -17.44 28.47 -25.34
CA VAL D 177 -18.73 29.12 -25.19
C VAL D 177 -18.55 30.62 -25.36
N ALA D 178 -19.40 31.23 -26.18
CA ALA D 178 -19.24 32.63 -26.58
C ALA D 178 -19.83 33.62 -25.58
N ASP D 179 -21.03 33.35 -25.05
CA ASP D 179 -21.79 34.35 -24.31
C ASP D 179 -21.84 34.11 -22.82
N GLN D 180 -21.08 33.14 -22.30
CA GLN D 180 -21.01 32.95 -20.86
C GLN D 180 -19.79 32.09 -20.52
N MET D 181 -19.54 31.94 -19.22
CA MET D 181 -18.34 31.30 -18.69
C MET D 181 -18.73 30.17 -17.75
N PRO D 182 -19.12 29.01 -18.28
CA PRO D 182 -19.28 27.83 -17.42
C PRO D 182 -17.92 27.35 -16.93
N VAL D 183 -17.89 26.89 -15.69
CA VAL D 183 -16.63 26.65 -14.98
C VAL D 183 -16.61 25.24 -14.41
N ALA D 184 -15.54 24.51 -14.68
CA ALA D 184 -15.24 23.26 -14.00
C ALA D 184 -14.26 23.55 -12.87
N LYS D 185 -14.60 23.12 -11.66
CA LYS D 185 -13.82 23.40 -10.48
C LYS D 185 -13.07 22.15 -10.02
N LEU D 186 -11.87 22.36 -9.47
CA LEU D 186 -11.09 21.29 -8.88
C LEU D 186 -10.61 21.74 -7.50
N ALA D 187 -10.43 20.77 -6.61
CA ALA D 187 -10.19 21.05 -5.20
C ALA D 187 -9.28 20.01 -4.60
N LEU D 188 -8.63 20.38 -3.50
CA LEU D 188 -7.76 19.49 -2.74
C LEU D 188 -8.41 19.23 -1.39
N ALA D 189 -8.72 17.96 -1.11
CA ALA D 189 -9.40 17.57 0.12
C ALA D 189 -8.49 16.66 0.94
N TYR D 190 -8.33 16.98 2.21
CA TYR D 190 -7.59 16.15 3.14
C TYR D 190 -8.19 16.31 4.53
N ARG D 191 -7.83 15.41 5.43
CA ARG D 191 -8.37 15.42 6.78
C ARG D 191 -7.71 16.55 7.59
N ARG D 192 -8.54 17.43 8.14
CA ARG D 192 -8.02 18.49 9.00
C ARG D 192 -7.49 17.90 10.29
N GLY D 193 -6.28 18.32 10.67
CA GLY D 193 -5.60 17.76 11.82
C GLY D 193 -4.62 16.67 11.50
N ASP D 194 -4.60 16.18 10.26
CA ASP D 194 -3.64 15.16 9.85
C ASP D 194 -2.24 15.76 9.85
N THR D 195 -1.40 15.32 10.77
CA THR D 195 -0.04 15.84 10.91
C THR D 195 0.98 15.00 10.14
N SER D 196 0.57 14.34 9.07
CA SER D 196 1.48 13.52 8.29
C SER D 196 2.48 14.42 7.55
N PRO D 197 3.79 14.26 7.78
CA PRO D 197 4.75 15.10 7.05
C PRO D 197 4.68 14.91 5.55
N THR D 198 4.46 13.68 5.07
CA THR D 198 4.32 13.46 3.64
C THR D 198 3.12 14.21 3.08
N LEU D 199 2.00 14.18 3.80
CA LEU D 199 0.84 14.97 3.39
C LEU D 199 1.17 16.46 3.41
N ARG D 200 1.82 16.92 4.48
CA ARG D 200 2.21 18.32 4.58
C ARG D 200 3.10 18.72 3.41
N ASN D 201 4.03 17.85 3.03
CA ASN D 201 4.95 18.19 1.93
C ASN D 201 4.24 18.16 0.59
N PHE D 202 3.33 17.20 0.40
CA PHE D 202 2.61 17.11 -0.88
C PHE D 202 1.71 18.32 -1.09
N ILE D 203 1.04 18.78 -0.04
CA ILE D 203 0.20 19.97 -0.15
C ILE D 203 1.04 21.17 -0.55
N LEU D 204 2.27 21.25 -0.04
CA LEU D 204 3.14 22.37 -0.39
C LEU D 204 3.46 22.38 -1.88
N LYS D 205 3.65 21.19 -2.47
CA LYS D 205 3.86 21.11 -3.91
C LYS D 205 2.59 21.45 -4.68
N VAL D 206 1.43 21.37 -4.05
CA VAL D 206 0.18 21.74 -4.72
C VAL D 206 -0.07 23.23 -4.60
N THR D 207 0.11 23.78 -3.41
CA THR D 207 -0.14 25.20 -3.16
C THR D 207 1.04 26.09 -3.51
N GLY D 208 2.25 25.68 -3.13
CA GLY D 208 3.44 26.48 -3.39
C GLY D 208 3.95 27.19 -2.16
#